data_6NYX
#
_entry.id   6NYX
#
_cell.length_a   88.030
_cell.length_b   88.030
_cell.length_c   75.750
_cell.angle_alpha   90.000
_cell.angle_beta   90.000
_cell.angle_gamma   120.000
#
_symmetry.space_group_name_H-M   'P 3'
#
loop_
_entity.id
_entity.type
_entity.pdbx_description
1 polymer 'Fusion glycoprotein F0'
2 polymer 'Fusion glycoprotein F0'
3 non-polymer 'TETRAETHYLENE GLYCOL'
4 non-polymer DI(HYDROXYETHYL)ETHER
5 water water
#
loop_
_entity_poly.entity_id
_entity_poly.type
_entity_poly.pdbx_seq_one_letter_code
_entity_poly.pdbx_strand_id
1 'polypeptide(L)' (ACE)QARSDIEKLKEAIRDTNKAVQSVQSSIGNLIVAIKSVQDYVNKEIVPSIAR(NH2) A,B,C,D,E,F,H,J,L
2 'polypeptide(L)' (ACE)VALDPIDISIVLNKIKSDLEESKEWIRRSNQKLDSI(NH2) G,I,K,M,N,O,P,Q,T
#
loop_
_chem_comp.id
_chem_comp.type
_chem_comp.name
_chem_comp.formula
ACE non-polymer 'ACETYL GROUP' 'C2 H4 O'
NH2 non-polymer 'AMINO GROUP' 'H2 N'
PEG non-polymer DI(HYDROXYETHYL)ETHER 'C4 H10 O3'
PG4 non-polymer 'TETRAETHYLENE GLYCOL' 'C8 H18 O5'
#
# COMPACT_ATOMS: atom_id res chain seq x y z
N ARG A 4 -22.53 15.28 22.75
CA ARG A 4 -23.13 14.23 21.89
C ARG A 4 -23.46 14.75 20.49
N SER A 5 -23.93 15.98 20.32
CA SER A 5 -24.29 16.55 19.00
C SER A 5 -23.06 16.64 18.09
N ASP A 6 -21.90 16.90 18.69
CA ASP A 6 -20.61 16.92 18.00
C ASP A 6 -20.13 15.50 17.70
N ILE A 7 -20.33 14.57 18.64
CA ILE A 7 -20.06 13.15 18.38
C ILE A 7 -20.86 12.66 17.18
N GLU A 8 -22.11 13.09 17.06
CA GLU A 8 -23.01 12.66 15.95
C GLU A 8 -22.51 13.23 14.64
N LYS A 9 -22.09 14.48 14.64
CA LYS A 9 -21.56 15.12 13.41
C LYS A 9 -20.25 14.45 13.00
N LEU A 10 -19.36 14.14 13.92
CA LEU A 10 -18.10 13.45 13.59
C LEU A 10 -18.46 12.09 12.97
N LYS A 11 -19.41 11.37 13.52
CA LYS A 11 -19.82 10.07 12.94
C LYS A 11 -20.27 10.28 11.50
N GLU A 12 -21.12 11.26 11.24
CA GLU A 12 -21.64 11.58 9.89
C GLU A 12 -20.47 11.94 8.98
N ALA A 13 -19.54 12.72 9.46
CA ALA A 13 -18.40 13.08 8.63
C ALA A 13 -17.60 11.85 8.19
N ILE A 14 -17.26 10.98 9.13
CA ILE A 14 -16.43 9.78 8.83
C ILE A 14 -17.21 8.88 7.88
N ARG A 15 -18.53 8.85 8.00
CA ARG A 15 -19.42 8.07 7.14
C ARG A 15 -19.28 8.56 5.69
N ASP A 16 -19.26 9.87 5.51
CA ASP A 16 -19.11 10.52 4.19
C ASP A 16 -17.71 10.21 3.66
N THR A 17 -16.69 10.34 4.49
CA THR A 17 -15.29 10.06 4.07
C THR A 17 -15.22 8.63 3.56
N ASN A 18 -15.82 7.70 4.28
CA ASN A 18 -15.84 6.26 3.92
C ASN A 18 -16.48 6.09 2.53
N LYS A 19 -17.57 6.79 2.27
CA LYS A 19 -18.25 6.75 0.96
C LYS A 19 -17.32 7.32 -0.10
N ALA A 20 -16.63 8.42 0.18
CA ALA A 20 -15.60 8.91 -0.75
C ALA A 20 -14.58 7.83 -1.08
N VAL A 21 -14.13 7.10 -0.06
CA VAL A 21 -13.15 6.03 -0.29
C VAL A 21 -13.79 4.88 -1.09
N GLN A 22 -15.05 4.52 -0.82
CA GLN A 22 -15.72 3.50 -1.65
C GLN A 22 -15.81 3.96 -3.12
N SER A 23 -16.07 5.25 -3.36
CA SER A 23 -16.11 5.74 -4.74
C SER A 23 -14.74 5.60 -5.40
N VAL A 24 -13.65 5.89 -4.67
CA VAL A 24 -12.26 5.73 -5.15
C VAL A 24 -11.93 4.28 -5.44
N GLN A 25 -12.37 3.37 -4.56
CA GLN A 25 -12.22 1.94 -4.79
C GLN A 25 -12.82 1.53 -6.13
N SER A 26 -14.02 2.04 -6.42
CA SER A 26 -14.66 1.76 -7.71
C SER A 26 -13.88 2.34 -8.90
N SER A 27 -13.26 3.49 -8.71
CA SER A 27 -12.42 4.07 -9.76
C SER A 27 -11.19 3.16 -9.95
N ILE A 28 -10.53 2.72 -8.88
CA ILE A 28 -9.33 1.85 -9.02
C ILE A 28 -9.74 0.54 -9.69
N GLY A 29 -10.89 -0.01 -9.33
CA GLY A 29 -11.40 -1.24 -9.95
C GLY A 29 -11.43 -1.08 -11.46
N ASN A 30 -11.93 0.05 -11.93
CA ASN A 30 -12.06 0.29 -13.36
C ASN A 30 -10.75 0.71 -14.02
N LEU A 31 -9.80 1.27 -13.25
CA LEU A 31 -8.46 1.49 -13.79
C LEU A 31 -7.78 0.17 -14.12
N ILE A 32 -7.94 -0.83 -13.28
CA ILE A 32 -7.45 -2.18 -13.60
C ILE A 32 -8.04 -2.64 -14.92
N VAL A 33 -9.39 -2.56 -15.03
CA VAL A 33 -10.06 -2.97 -16.26
C VAL A 33 -9.48 -2.25 -17.46
N ALA A 34 -9.26 -0.95 -17.34
CA ALA A 34 -8.71 -0.11 -18.42
C ALA A 34 -7.33 -0.61 -18.85
N ILE A 35 -6.45 -0.92 -17.89
CA ILE A 35 -5.07 -1.36 -18.22
C ILE A 35 -5.15 -2.78 -18.79
N LYS A 36 -5.98 -3.62 -18.24
CA LYS A 36 -6.12 -5.00 -18.78
C LYS A 36 -6.57 -4.87 -20.24
N SER A 37 -7.43 -3.92 -20.53
CA SER A 37 -7.98 -3.76 -21.87
C SER A 37 -6.90 -3.32 -22.84
N VAL A 38 -5.99 -2.47 -22.39
CA VAL A 38 -4.84 -2.10 -23.23
C VAL A 38 -3.96 -3.33 -23.50
N GLN A 39 -3.65 -4.11 -22.46
CA GLN A 39 -2.84 -5.30 -22.67
C GLN A 39 -3.49 -6.22 -23.71
N ASP A 40 -4.79 -6.47 -23.56
CA ASP A 40 -5.46 -7.44 -24.42
C ASP A 40 -5.53 -6.96 -25.87
N TYR A 41 -5.59 -5.65 -26.09
CA TYR A 41 -5.62 -5.09 -27.43
C TYR A 41 -4.24 -5.18 -28.07
N VAL A 42 -3.19 -4.87 -27.32
CA VAL A 42 -1.85 -5.07 -27.84
C VAL A 42 -1.68 -6.50 -28.31
N ASN A 43 -2.06 -7.45 -27.47
CA ASN A 43 -1.78 -8.88 -27.70
C ASN A 43 -2.67 -9.48 -28.77
N LYS A 44 -3.92 -9.11 -28.80
CA LYS A 44 -4.89 -9.69 -29.83
C LYS A 44 -5.12 -8.85 -31.15
N GLU A 45 -4.49 -7.67 -31.20
CA GLU A 45 -4.69 -6.83 -32.39
C GLU A 45 -3.37 -6.27 -32.95
N ILE A 46 -2.39 -5.91 -32.12
CA ILE A 46 -1.13 -5.34 -32.66
C ILE A 46 -0.11 -6.45 -32.83
N VAL A 47 0.10 -7.28 -31.82
CA VAL A 47 1.14 -8.34 -31.81
C VAL A 47 0.91 -9.46 -32.85
N PRO A 48 -0.26 -9.67 -33.47
CA PRO A 48 -0.31 -10.67 -34.52
C PRO A 48 0.46 -10.12 -35.75
N SER A 49 0.37 -8.80 -35.97
CA SER A 49 1.01 -8.00 -37.04
C SER A 49 2.52 -7.98 -36.88
N GLN B 2 -11.88 19.00 28.48
CA GLN B 2 -11.20 17.86 27.80
C GLN B 2 -12.04 17.41 26.61
N ALA B 3 -13.30 17.08 26.85
CA ALA B 3 -14.28 16.58 25.86
C ALA B 3 -14.19 17.35 24.54
N ARG B 4 -14.19 18.69 24.55
CA ARG B 4 -14.14 19.45 23.28
C ARG B 4 -12.73 19.40 22.68
N SER B 5 -11.70 19.03 23.45
CA SER B 5 -10.33 18.96 22.91
C SER B 5 -10.22 17.64 22.16
N ASP B 6 -10.64 16.53 22.75
CA ASP B 6 -10.63 15.20 22.07
C ASP B 6 -11.51 15.32 20.84
N ILE B 7 -12.64 16.01 20.95
CA ILE B 7 -13.54 16.23 19.81
C ILE B 7 -12.81 17.06 18.75
N GLU B 8 -12.07 18.08 19.16
CA GLU B 8 -11.33 18.96 18.23
C GLU B 8 -10.16 18.19 17.60
N LYS B 9 -9.55 17.25 18.29
CA LYS B 9 -8.45 16.48 17.68
C LYS B 9 -9.06 15.52 16.64
N LEU B 10 -10.17 14.90 16.96
CA LEU B 10 -10.81 13.99 16.01
C LEU B 10 -11.18 14.76 14.74
N LYS B 11 -11.76 15.91 14.91
CA LYS B 11 -12.17 16.74 13.78
C LYS B 11 -10.94 17.01 12.90
N GLU B 12 -9.79 17.27 13.48
CA GLU B 12 -8.63 17.60 12.68
C GLU B 12 -8.04 16.36 12.01
N ALA B 13 -8.13 15.23 12.68
CA ALA B 13 -7.68 13.93 12.12
C ALA B 13 -8.50 13.66 10.86
N ILE B 14 -9.81 13.87 10.93
CA ILE B 14 -10.71 13.65 9.76
C ILE B 14 -10.36 14.66 8.67
N ARG B 15 -10.12 15.91 9.02
CA ARG B 15 -9.75 16.91 7.99
C ARG B 15 -8.48 16.43 7.30
N ASP B 16 -7.55 15.86 8.05
CA ASP B 16 -6.30 15.39 7.44
C ASP B 16 -6.59 14.19 6.51
N THR B 17 -7.33 13.20 7.00
CA THR B 17 -7.78 12.08 6.18
C THR B 17 -8.46 12.54 4.88
N ASN B 18 -9.36 13.54 4.96
CA ASN B 18 -10.03 14.05 3.77
C ASN B 18 -9.04 14.60 2.75
N LYS B 19 -8.04 15.37 3.21
CA LYS B 19 -7.00 15.85 2.31
C LYS B 19 -6.18 14.72 1.69
N ALA B 20 -5.91 13.63 2.45
CA ALA B 20 -5.30 12.44 1.88
C ALA B 20 -6.16 11.86 0.76
N VAL B 21 -7.48 11.81 0.96
CA VAL B 21 -8.35 11.30 -0.08
C VAL B 21 -8.37 12.23 -1.30
N GLN B 22 -8.32 13.56 -1.09
CA GLN B 22 -8.32 14.50 -2.21
C GLN B 22 -7.05 14.39 -3.03
N SER B 23 -5.91 14.11 -2.38
CA SER B 23 -4.66 13.90 -3.10
C SER B 23 -4.74 12.60 -3.93
N VAL B 24 -5.39 11.56 -3.40
CA VAL B 24 -5.61 10.33 -4.17
C VAL B 24 -6.50 10.61 -5.37
N GLN B 25 -7.53 11.45 -5.19
CA GLN B 25 -8.40 11.89 -6.28
C GLN B 25 -7.62 12.57 -7.39
N SER B 26 -6.68 13.44 -7.02
CA SER B 26 -5.80 14.08 -8.00
C SER B 26 -4.94 13.07 -8.74
N SER B 27 -4.38 12.10 -8.02
CA SER B 27 -3.59 11.05 -8.66
C SER B 27 -4.41 10.21 -9.65
N ILE B 28 -5.68 9.95 -9.33
CA ILE B 28 -6.53 9.20 -10.23
C ILE B 28 -6.86 10.02 -11.47
N GLY B 29 -7.12 11.32 -11.29
CA GLY B 29 -7.28 12.22 -12.42
C GLY B 29 -6.11 12.13 -13.39
N ASN B 30 -4.89 12.13 -12.85
CA ASN B 30 -3.72 12.08 -13.71
C ASN B 30 -3.48 10.67 -14.29
N LEU B 31 -3.87 9.60 -13.58
CA LEU B 31 -3.83 8.28 -14.19
C LEU B 31 -4.71 8.19 -15.43
N ILE B 32 -5.91 8.79 -15.38
CA ILE B 32 -6.78 8.86 -16.57
C ILE B 32 -6.02 9.51 -17.74
N VAL B 33 -5.37 10.65 -17.49
CA VAL B 33 -4.58 11.32 -18.52
C VAL B 33 -3.54 10.37 -19.10
N ALA B 34 -2.75 9.74 -18.22
CA ALA B 34 -1.70 8.83 -18.65
C ALA B 34 -2.25 7.71 -19.51
N ILE B 35 -3.32 7.07 -19.06
CA ILE B 35 -3.88 5.97 -19.84
C ILE B 35 -4.44 6.46 -21.18
N LYS B 36 -5.08 7.61 -21.19
CA LYS B 36 -5.60 8.17 -22.45
C LYS B 36 -4.43 8.45 -23.40
N SER B 37 -3.31 8.99 -22.90
CA SER B 37 -2.11 9.27 -23.72
C SER B 37 -1.67 7.99 -24.41
N VAL B 38 -1.61 6.89 -23.69
CA VAL B 38 -1.22 5.58 -24.26
C VAL B 38 -2.23 5.26 -25.36
N GLN B 39 -3.53 5.44 -25.13
CA GLN B 39 -4.57 5.19 -26.15
C GLN B 39 -4.29 6.05 -27.39
N ASP B 40 -4.09 7.35 -27.21
CA ASP B 40 -3.89 8.33 -28.30
C ASP B 40 -2.63 7.99 -29.09
N TYR B 41 -1.56 7.63 -28.43
CA TYR B 41 -0.30 7.30 -29.13
C TYR B 41 -0.48 6.02 -29.94
N VAL B 42 -1.21 5.04 -29.44
CA VAL B 42 -1.41 3.77 -30.19
C VAL B 42 -2.19 4.06 -31.48
N ASN B 43 -3.22 4.88 -31.41
CA ASN B 43 -4.11 5.18 -32.55
C ASN B 43 -3.53 6.22 -33.52
N LYS B 44 -2.54 7.01 -33.11
CA LYS B 44 -1.94 7.99 -34.04
C LYS B 44 -0.56 7.53 -34.51
N GLU B 45 0.14 6.67 -33.80
CA GLU B 45 1.49 6.28 -34.26
C GLU B 45 1.58 4.79 -34.63
N ILE B 46 0.79 3.92 -34.02
CA ILE B 46 0.89 2.44 -34.29
C ILE B 46 -0.19 1.98 -35.28
N VAL B 47 -1.44 2.38 -35.11
CA VAL B 47 -2.54 1.86 -35.96
C VAL B 47 -2.44 2.43 -37.39
N PRO B 48 -2.14 3.71 -37.68
CA PRO B 48 -1.87 4.05 -39.07
C PRO B 48 -0.62 3.29 -39.53
N SER B 49 0.52 3.51 -38.86
CA SER B 49 1.86 2.97 -39.16
C SER B 49 1.83 1.50 -39.58
N ALA C 3 -19.56 10.50 25.05
CA ALA C 3 -18.90 9.62 26.04
C ALA C 3 -17.45 9.34 25.65
N ARG C 4 -16.70 8.75 26.58
CA ARG C 4 -15.29 8.38 26.36
C ARG C 4 -15.26 7.16 25.44
N SER C 5 -16.29 6.32 25.53
CA SER C 5 -16.40 5.10 24.71
C SER C 5 -16.64 5.54 23.28
N ASP C 6 -17.54 6.49 23.07
CA ASP C 6 -17.88 6.98 21.73
C ASP C 6 -16.64 7.67 21.14
N ILE C 7 -15.87 8.40 21.94
CA ILE C 7 -14.64 9.02 21.43
C ILE C 7 -13.66 7.95 21.00
N GLU C 8 -13.46 6.95 21.84
CA GLU C 8 -12.57 5.84 21.48
C GLU C 8 -13.04 5.09 20.24
N LYS C 9 -14.35 4.97 20.05
CA LYS C 9 -14.87 4.29 18.87
C LYS C 9 -14.62 5.11 17.61
N LEU C 10 -14.85 6.41 17.70
CA LEU C 10 -14.63 7.27 16.54
C LEU C 10 -13.15 7.25 16.16
N LYS C 11 -12.27 7.24 17.17
CA LYS C 11 -10.82 7.14 16.91
C LYS C 11 -10.48 5.84 16.21
N GLU C 12 -11.08 4.74 16.64
CA GLU C 12 -10.83 3.41 16.07
C GLU C 12 -11.32 3.43 14.61
N ALA C 13 -12.45 4.08 14.36
CA ALA C 13 -13.06 4.14 13.03
C ALA C 13 -12.13 4.91 12.10
N ILE C 14 -11.66 6.07 12.51
CA ILE C 14 -10.75 6.87 11.66
C ILE C 14 -9.46 6.08 11.40
N ARG C 15 -8.94 5.34 12.37
CA ARG C 15 -7.72 4.52 12.14
C ARG C 15 -7.97 3.54 11.01
N ASP C 16 -9.12 2.85 11.03
CA ASP C 16 -9.48 1.85 9.99
C ASP C 16 -9.61 2.59 8.66
N THR C 17 -10.26 3.74 8.65
CA THR C 17 -10.39 4.53 7.41
C THR C 17 -9.00 4.89 6.90
N ASN C 18 -8.06 5.25 7.79
CA ASN C 18 -6.71 5.63 7.32
C ASN C 18 -5.96 4.45 6.68
N LYS C 19 -6.15 3.27 7.22
CA LYS C 19 -5.58 2.01 6.66
C LYS C 19 -6.21 1.75 5.29
N ALA C 20 -7.52 1.96 5.14
CA ALA C 20 -8.11 1.82 3.82
C ALA C 20 -7.44 2.75 2.80
N VAL C 21 -7.16 3.98 3.19
CA VAL C 21 -6.50 4.91 2.31
C VAL C 21 -5.06 4.44 2.04
N GLN C 22 -4.37 3.94 3.05
CA GLN C 22 -3.01 3.42 2.83
C GLN C 22 -3.02 2.27 1.83
N SER C 23 -4.01 1.38 1.90
CA SER C 23 -4.14 0.32 0.90
C SER C 23 -4.38 0.88 -0.50
N VAL C 24 -5.16 1.95 -0.60
CA VAL C 24 -5.42 2.54 -1.92
C VAL C 24 -4.14 3.23 -2.45
N GLN C 25 -3.40 3.88 -1.55
CA GLN C 25 -2.10 4.43 -1.90
C GLN C 25 -1.17 3.36 -2.49
N SER C 26 -1.15 2.17 -1.93
CA SER C 26 -0.36 1.04 -2.45
C SER C 26 -0.83 0.70 -3.88
N SER C 27 -2.15 0.71 -4.09
CA SER C 27 -2.80 0.46 -5.40
C SER C 27 -2.29 1.45 -6.43
N ILE C 28 -2.28 2.72 -6.07
CA ILE C 28 -1.84 3.79 -7.00
C ILE C 28 -0.37 3.59 -7.33
N GLY C 29 0.44 3.27 -6.33
CA GLY C 29 1.86 3.00 -6.58
C GLY C 29 2.04 1.93 -7.64
N ASN C 30 1.28 0.84 -7.55
CA ASN C 30 1.36 -0.27 -8.49
C ASN C 30 0.74 0.08 -9.83
N LEU C 31 -0.25 0.98 -9.86
CA LEU C 31 -0.80 1.37 -11.16
C LEU C 31 0.22 2.18 -11.96
N ILE C 32 0.98 3.05 -11.28
CA ILE C 32 2.09 3.76 -11.92
C ILE C 32 3.05 2.78 -12.56
N VAL C 33 3.38 1.71 -11.85
CA VAL C 33 4.31 0.72 -12.36
C VAL C 33 3.72 0.00 -13.56
N ALA C 34 2.43 -0.33 -13.50
CA ALA C 34 1.81 -1.03 -14.61
C ALA C 34 1.82 -0.17 -15.87
N ILE C 35 1.50 1.10 -15.76
CA ILE C 35 1.48 2.02 -16.94
C ILE C 35 2.90 2.19 -17.45
N LYS C 36 3.86 2.37 -16.56
CA LYS C 36 5.28 2.55 -16.97
C LYS C 36 5.74 1.32 -17.75
N SER C 37 5.36 0.12 -17.30
CA SER C 37 5.71 -1.16 -17.95
C SER C 37 5.07 -1.24 -19.33
N VAL C 38 3.91 -0.62 -19.53
CA VAL C 38 3.25 -0.60 -20.86
C VAL C 38 4.04 0.34 -21.76
N GLN C 39 4.47 1.50 -21.25
CA GLN C 39 5.27 2.49 -22.01
C GLN C 39 6.59 1.82 -22.38
N ASP C 40 7.22 1.15 -21.44
CA ASP C 40 8.50 0.46 -21.69
C ASP C 40 8.28 -0.57 -22.80
N TYR C 41 7.29 -1.44 -22.69
CA TYR C 41 7.08 -2.48 -23.70
C TYR C 41 6.87 -1.88 -25.08
N VAL C 42 6.08 -0.82 -25.15
CA VAL C 42 5.87 -0.13 -26.42
C VAL C 42 7.20 0.36 -26.99
N ASN C 43 8.01 1.01 -26.17
CA ASN C 43 9.24 1.63 -26.67
C ASN C 43 10.36 0.62 -26.89
N LYS C 44 10.34 -0.52 -26.19
CA LYS C 44 11.42 -1.49 -26.30
C LYS C 44 11.15 -2.57 -27.32
N GLU C 45 9.88 -2.73 -27.75
CA GLU C 45 9.47 -3.84 -28.64
C GLU C 45 8.56 -3.45 -29.81
N ILE C 46 7.49 -2.70 -29.66
CA ILE C 46 6.61 -2.40 -30.82
C ILE C 46 7.24 -1.32 -31.70
N VAL C 47 7.71 -0.23 -31.13
CA VAL C 47 8.26 0.91 -31.92
C VAL C 47 9.32 0.40 -32.90
N PRO C 48 10.40 -0.26 -32.48
CA PRO C 48 11.40 -0.75 -33.46
C PRO C 48 10.87 -1.71 -34.54
N SER C 49 9.96 -2.61 -34.20
CA SER C 49 9.37 -3.58 -35.17
C SER C 49 8.75 -2.81 -36.33
N ILE C 50 7.98 -1.76 -36.04
CA ILE C 50 7.29 -0.90 -37.03
C ILE C 50 8.28 0.16 -37.52
N ARG D 4 21.37 -20.21 -30.92
CA ARG D 4 21.04 -18.79 -30.64
C ARG D 4 19.62 -18.58 -30.12
N SER D 5 18.61 -19.34 -30.55
CA SER D 5 17.26 -19.25 -29.96
C SER D 5 17.31 -19.91 -28.58
N ASP D 6 18.01 -21.02 -28.42
CA ASP D 6 18.18 -21.57 -27.08
C ASP D 6 18.80 -20.54 -26.15
N ILE D 7 19.90 -19.90 -26.58
CA ILE D 7 20.57 -18.90 -25.78
C ILE D 7 19.63 -17.76 -25.40
N GLU D 8 18.80 -17.31 -26.34
CA GLU D 8 17.85 -16.20 -26.07
C GLU D 8 16.76 -16.65 -25.10
N LYS D 9 16.33 -17.90 -25.13
CA LYS D 9 15.34 -18.33 -24.14
C LYS D 9 15.95 -18.45 -22.74
N LEU D 10 17.14 -19.03 -22.65
CA LEU D 10 17.86 -19.08 -21.37
C LEU D 10 18.00 -17.68 -20.80
N LYS D 11 18.44 -16.75 -21.64
CA LYS D 11 18.53 -15.36 -21.21
C LYS D 11 17.23 -14.91 -20.56
N GLU D 12 16.10 -15.23 -21.18
CA GLU D 12 14.84 -14.71 -20.67
C GLU D 12 14.39 -15.46 -19.43
N ALA D 13 14.76 -16.74 -19.28
CA ALA D 13 14.52 -17.44 -18.03
C ALA D 13 15.27 -16.79 -16.88
N ILE D 14 16.56 -16.47 -17.08
CA ILE D 14 17.34 -15.84 -16.03
C ILE D 14 16.77 -14.46 -15.67
N ARG D 15 16.34 -13.68 -16.68
CA ARG D 15 15.73 -12.39 -16.38
C ARG D 15 14.54 -12.54 -15.45
N ASP D 16 13.70 -13.55 -15.70
CA ASP D 16 12.57 -13.78 -14.81
C ASP D 16 13.01 -14.28 -13.42
N THR D 17 14.07 -15.10 -13.35
CA THR D 17 14.60 -15.50 -12.04
C THR D 17 15.09 -14.29 -11.26
N ASN D 18 15.79 -13.37 -11.92
CA ASN D 18 16.25 -12.13 -11.29
C ASN D 18 15.10 -11.27 -10.80
N LYS D 19 14.01 -11.18 -11.57
CA LYS D 19 12.82 -10.49 -11.03
C LYS D 19 12.26 -11.20 -9.80
N ALA D 20 12.35 -12.53 -9.74
CA ALA D 20 11.88 -13.22 -8.55
C ALA D 20 12.74 -12.85 -7.35
N VAL D 21 14.06 -12.82 -7.55
CA VAL D 21 14.95 -12.40 -6.48
C VAL D 21 14.67 -10.95 -6.05
N GLN D 22 14.44 -10.04 -6.99
CA GLN D 22 14.14 -8.66 -6.61
C GLN D 22 12.86 -8.58 -5.79
N SER D 23 11.88 -9.42 -6.09
CA SER D 23 10.66 -9.45 -5.29
C SER D 23 10.94 -9.96 -3.87
N VAL D 24 11.79 -11.00 -3.72
CA VAL D 24 12.18 -11.45 -2.38
C VAL D 24 12.94 -10.36 -1.63
N GLN D 25 13.77 -9.59 -2.33
CA GLN D 25 14.51 -8.46 -1.72
C GLN D 25 13.53 -7.42 -1.16
N SER D 26 12.46 -7.14 -1.89
CA SER D 26 11.44 -6.23 -1.38
C SER D 26 10.73 -6.82 -0.17
N SER D 27 10.44 -8.12 -0.19
CA SER D 27 9.89 -8.76 1.00
C SER D 27 10.80 -8.61 2.20
N ILE D 28 12.11 -8.82 2.02
CA ILE D 28 13.05 -8.72 3.15
C ILE D 28 13.10 -7.28 3.66
N GLY D 29 13.07 -6.31 2.74
CA GLY D 29 13.06 -4.92 3.15
C GLY D 29 11.91 -4.62 4.09
N ASN D 30 10.73 -5.12 3.77
CA ASN D 30 9.60 -4.92 4.66
C ASN D 30 9.60 -5.82 5.89
N LEU D 31 10.23 -6.99 5.87
CA LEU D 31 10.38 -7.75 7.12
C LEU D 31 11.20 -6.96 8.13
N ILE D 32 12.24 -6.25 7.66
CA ILE D 32 13.02 -5.36 8.54
C ILE D 32 12.12 -4.31 9.15
N VAL D 33 11.26 -3.70 8.32
CA VAL D 33 10.34 -2.67 8.79
C VAL D 33 9.41 -3.24 9.86
N ALA D 34 8.87 -4.42 9.62
CA ALA D 34 7.96 -5.06 10.58
C ALA D 34 8.68 -5.34 11.90
N ILE D 35 9.87 -5.92 11.85
CA ILE D 35 10.61 -6.27 13.09
C ILE D 35 11.00 -4.99 13.84
N LYS D 36 11.40 -3.94 13.14
CA LYS D 36 11.77 -2.67 13.81
C LYS D 36 10.54 -2.07 14.47
N SER D 37 9.37 -2.21 13.84
CA SER D 37 8.09 -1.74 14.41
C SER D 37 7.85 -2.44 15.74
N VAL D 38 8.04 -3.76 15.79
CA VAL D 38 7.84 -4.48 17.03
C VAL D 38 8.80 -3.98 18.09
N GLN D 39 10.09 -3.84 17.75
CA GLN D 39 11.04 -3.31 18.72
C GLN D 39 10.57 -1.93 19.23
N ASP D 40 10.10 -1.09 18.32
CA ASP D 40 9.74 0.28 18.73
C ASP D 40 8.49 0.27 19.62
N TYR D 41 7.50 -0.54 19.27
CA TYR D 41 6.31 -0.66 20.12
C TYR D 41 6.67 -1.17 21.51
N VAL D 42 7.57 -2.15 21.59
CA VAL D 42 7.99 -2.68 22.89
C VAL D 42 8.65 -1.59 23.71
N ASN D 43 9.52 -0.78 23.09
CA ASN D 43 10.27 0.22 23.84
C ASN D 43 9.46 1.46 24.16
N LYS D 44 8.57 1.89 23.28
CA LYS D 44 7.75 3.07 23.53
C LYS D 44 6.54 2.77 24.41
N GLU D 45 5.83 1.67 24.15
CA GLU D 45 4.57 1.36 24.78
C GLU D 45 4.67 0.37 25.94
N ILE D 46 5.39 -0.73 25.79
CA ILE D 46 5.32 -1.76 26.81
C ILE D 46 6.32 -1.49 27.93
N VAL D 47 7.59 -1.31 27.63
CA VAL D 47 8.62 -1.11 28.68
C VAL D 47 8.22 0.07 29.59
N PRO D 48 7.75 1.25 29.12
CA PRO D 48 7.38 2.34 30.01
C PRO D 48 6.08 2.04 30.81
N SER D 49 5.08 1.40 30.18
CA SER D 49 3.78 1.02 30.80
C SER D 49 4.01 0.11 31.99
N ILE D 50 5.02 -0.74 31.92
CA ILE D 50 5.43 -1.69 32.99
C ILE D 50 6.17 -0.94 34.06
N ALA D 51 6.75 0.20 33.69
CA ALA D 51 7.43 1.13 34.63
C ALA D 51 6.39 2.01 35.32
N ARG D 52 5.29 2.34 34.62
CA ARG D 52 4.16 3.22 35.02
C ARG D 52 3.24 2.51 36.02
N ARG E 4 26.25 -27.97 -27.41
CA ARG E 4 24.80 -28.10 -27.02
C ARG E 4 24.69 -28.74 -25.64
N SER E 5 25.75 -29.36 -25.16
CA SER E 5 25.80 -29.92 -23.79
C SER E 5 25.74 -28.74 -22.84
N ASP E 6 26.52 -27.70 -23.14
CA ASP E 6 26.66 -26.44 -22.36
C ASP E 6 25.26 -25.82 -22.14
N ILE E 7 24.44 -25.74 -23.17
CA ILE E 7 23.05 -25.24 -23.10
C ILE E 7 22.28 -26.08 -22.09
N GLU E 8 22.28 -27.40 -22.16
CA GLU E 8 21.51 -28.23 -21.20
C GLU E 8 22.07 -28.07 -19.80
N LYS E 9 23.39 -27.93 -19.67
CA LYS E 9 24.03 -27.72 -18.36
C LYS E 9 23.53 -26.39 -17.80
N LEU E 10 23.47 -25.37 -18.63
CA LEU E 10 23.01 -24.06 -18.18
C LEU E 10 21.56 -24.15 -17.73
N LYS E 11 20.72 -24.85 -18.50
CA LYS E 11 19.31 -24.99 -18.14
C LYS E 11 19.12 -25.72 -16.80
N GLU E 12 19.92 -26.75 -16.56
CA GLU E 12 19.86 -27.44 -15.28
C GLU E 12 20.24 -26.50 -14.14
N ALA E 13 21.30 -25.68 -14.33
CA ALA E 13 21.72 -24.74 -13.29
C ALA E 13 20.59 -23.79 -12.93
N ILE E 14 19.97 -23.13 -13.90
CA ILE E 14 18.92 -22.11 -13.61
C ILE E 14 17.77 -22.68 -12.79
N ARG E 15 17.50 -23.94 -13.18
CA ARG E 15 16.44 -24.81 -12.61
C ARG E 15 16.79 -25.07 -11.15
N ASP E 16 18.07 -25.34 -10.87
CA ASP E 16 18.49 -25.47 -9.48
C ASP E 16 18.38 -24.12 -8.75
N THR E 17 18.85 -23.03 -9.38
CA THR E 17 18.67 -21.68 -8.82
C THR E 17 17.19 -21.40 -8.51
N ASN E 18 16.28 -21.81 -9.41
CA ASN E 18 14.86 -21.52 -9.17
C ASN E 18 14.32 -22.28 -7.95
N LYS E 19 14.77 -23.51 -7.74
CA LYS E 19 14.43 -24.24 -6.52
C LYS E 19 15.03 -23.60 -5.27
N ALA E 20 16.24 -23.07 -5.38
CA ALA E 20 16.78 -22.29 -4.26
C ALA E 20 15.90 -21.09 -3.95
N VAL E 21 15.41 -20.40 -4.99
CA VAL E 21 14.54 -19.26 -4.76
C VAL E 21 13.23 -19.71 -4.16
N GLN E 22 12.68 -20.86 -4.62
CA GLN E 22 11.43 -21.38 -4.04
C GLN E 22 11.56 -21.74 -2.56
N SER E 23 12.73 -22.25 -2.16
CA SER E 23 12.95 -22.49 -0.72
C SER E 23 13.04 -21.19 0.08
N VAL E 24 13.68 -20.16 -0.48
CA VAL E 24 13.68 -18.87 0.21
C VAL E 24 12.26 -18.34 0.31
N GLN E 25 11.44 -18.53 -0.74
CA GLN E 25 10.04 -18.11 -0.70
C GLN E 25 9.30 -18.81 0.44
N SER E 26 9.53 -20.11 0.61
CA SER E 26 8.95 -20.90 1.71
C SER E 26 9.42 -20.31 3.06
N SER E 27 10.70 -19.96 3.19
CA SER E 27 11.25 -19.33 4.41
C SER E 27 10.52 -18.03 4.73
N ILE E 28 10.34 -17.20 3.73
CA ILE E 28 9.70 -15.86 3.92
C ILE E 28 8.24 -16.07 4.33
N GLY E 29 7.59 -17.06 3.74
CA GLY E 29 6.21 -17.40 4.09
C GLY E 29 6.10 -17.66 5.57
N ASN E 30 6.99 -18.45 6.14
CA ASN E 30 6.91 -18.72 7.57
C ASN E 30 7.48 -17.60 8.46
N LEU E 31 8.41 -16.78 7.97
CA LEU E 31 8.80 -15.59 8.73
C LEU E 31 7.60 -14.67 8.96
N ILE E 32 6.71 -14.55 7.96
CA ILE E 32 5.45 -13.81 8.14
C ILE E 32 4.62 -14.42 9.25
N VAL E 33 4.44 -15.74 9.21
CA VAL E 33 3.74 -16.43 10.32
C VAL E 33 4.39 -16.16 11.67
N ALA E 34 5.73 -16.21 11.74
CA ALA E 34 6.39 -15.99 13.04
C ALA E 34 6.12 -14.58 13.56
N ILE E 35 6.28 -13.58 12.71
CA ILE E 35 6.12 -12.21 13.18
C ILE E 35 4.65 -11.94 13.53
N LYS E 36 3.73 -12.44 12.71
CA LYS E 36 2.31 -12.34 13.04
C LYS E 36 2.03 -12.96 14.41
N SER E 37 2.67 -14.09 14.71
CA SER E 37 2.49 -14.75 15.99
C SER E 37 3.03 -13.92 17.14
N VAL E 38 4.14 -13.21 16.94
CA VAL E 38 4.66 -12.33 17.98
C VAL E 38 3.69 -11.18 18.18
N GLN E 39 3.17 -10.61 17.10
CA GLN E 39 2.12 -9.60 17.22
C GLN E 39 0.95 -10.10 18.06
N ASP E 40 0.40 -11.27 17.70
CA ASP E 40 -0.78 -11.80 18.40
C ASP E 40 -0.49 -12.09 19.87
N TYR E 41 0.71 -12.58 20.18
CA TYR E 41 1.05 -12.87 21.57
C TYR E 41 1.10 -11.58 22.38
N VAL E 42 1.77 -10.57 21.86
CA VAL E 42 1.83 -9.29 22.58
C VAL E 42 0.42 -8.80 22.87
N ASN E 43 -0.45 -8.85 21.87
CA ASN E 43 -1.76 -8.22 22.02
C ASN E 43 -2.68 -8.99 22.94
N LYS E 44 -2.50 -10.30 23.04
CA LYS E 44 -3.45 -11.13 23.81
C LYS E 44 -2.91 -11.50 25.18
N GLU E 45 -1.60 -11.49 25.39
CA GLU E 45 -1.02 -11.91 26.69
C GLU E 45 -0.40 -10.75 27.44
N ILE E 46 0.29 -9.84 26.76
CA ILE E 46 1.02 -8.72 27.41
C ILE E 46 0.15 -7.47 27.50
N VAL E 47 -0.42 -6.97 26.41
CA VAL E 47 -1.21 -5.73 26.48
C VAL E 47 -2.38 -5.90 27.47
N PRO E 48 -3.11 -7.03 27.58
CA PRO E 48 -4.17 -7.15 28.58
C PRO E 48 -3.65 -7.40 30.00
N SER E 49 -2.43 -7.87 30.18
CA SER E 49 -1.83 -8.07 31.52
C SER E 49 -1.38 -6.71 32.07
N ILE E 50 -1.01 -5.80 31.19
CA ILE E 50 -0.52 -4.44 31.53
C ILE E 50 -1.70 -3.53 31.79
N ALA E 51 -2.90 -3.85 31.27
CA ALA E 51 -4.18 -3.12 31.51
C ALA E 51 -4.87 -3.72 32.73
N GLN F 2 31.45 -16.01 -30.77
CA GLN F 2 30.24 -15.36 -30.21
C GLN F 2 29.38 -16.37 -29.43
N ALA F 3 28.98 -17.52 -30.00
CA ALA F 3 28.10 -18.49 -29.30
C ALA F 3 28.74 -18.93 -27.98
N ARG F 4 30.03 -19.28 -27.99
CA ARG F 4 30.70 -19.73 -26.74
C ARG F 4 30.86 -18.55 -25.77
N SER F 5 30.96 -17.32 -26.27
CA SER F 5 31.10 -16.14 -25.40
C SER F 5 29.73 -15.78 -24.82
N ASP F 6 28.66 -16.10 -25.53
CA ASP F 6 27.29 -15.90 -25.04
C ASP F 6 26.99 -16.95 -23.97
N ILE F 7 27.49 -18.17 -24.13
CA ILE F 7 27.30 -19.24 -23.14
C ILE F 7 28.13 -18.88 -21.90
N GLU F 8 29.31 -18.29 -22.08
CA GLU F 8 30.15 -17.85 -20.94
C GLU F 8 29.41 -16.70 -20.24
N LYS F 9 28.72 -15.85 -20.98
CA LYS F 9 27.97 -14.73 -20.36
C LYS F 9 26.78 -15.27 -19.55
N LEU F 10 26.04 -16.26 -20.04
CA LEU F 10 24.90 -16.81 -19.28
C LEU F 10 25.46 -17.51 -18.03
N LYS F 11 26.57 -18.21 -18.15
CA LYS F 11 27.20 -18.87 -17.00
C LYS F 11 27.54 -17.78 -15.98
N GLU F 12 28.13 -16.67 -16.41
CA GLU F 12 28.50 -15.53 -15.55
C GLU F 12 27.23 -14.93 -14.92
N ALA F 13 26.16 -14.74 -15.68
CA ALA F 13 24.92 -14.15 -15.17
C ALA F 13 24.32 -15.03 -14.08
N ILE F 14 24.26 -16.34 -14.30
CA ILE F 14 23.71 -17.29 -13.31
C ILE F 14 24.60 -17.29 -12.06
N ARG F 15 25.90 -17.25 -12.22
CA ARG F 15 26.84 -17.18 -11.10
C ARG F 15 26.49 -15.96 -10.24
N ASP F 16 26.29 -14.81 -10.88
CA ASP F 16 25.90 -13.54 -10.20
C ASP F 16 24.54 -13.72 -9.51
N THR F 17 23.56 -14.34 -10.13
CA THR F 17 22.24 -14.57 -9.51
C THR F 17 22.41 -15.47 -8.28
N ASN F 18 23.23 -16.50 -8.38
CA ASN F 18 23.44 -17.39 -7.24
C ASN F 18 24.07 -16.64 -6.05
N LYS F 19 24.97 -15.69 -6.33
CA LYS F 19 25.54 -14.88 -5.26
C LYS F 19 24.51 -13.95 -4.66
N ALA F 20 23.61 -13.38 -5.48
CA ALA F 20 22.46 -12.67 -4.92
C ALA F 20 21.64 -13.56 -4.01
N VAL F 21 21.38 -14.82 -4.42
CA VAL F 21 20.58 -15.69 -3.57
C VAL F 21 21.36 -16.05 -2.29
N GLN F 22 22.68 -16.26 -2.39
CA GLN F 22 23.46 -16.51 -1.16
C GLN F 22 23.40 -15.32 -0.19
N SER F 23 23.45 -14.09 -0.72
CA SER F 23 23.30 -12.92 0.12
C SER F 23 21.93 -12.88 0.80
N VAL F 24 20.88 -13.22 0.05
CA VAL F 24 19.55 -13.32 0.65
C VAL F 24 19.48 -14.42 1.70
N GLN F 25 20.24 -15.50 1.51
CA GLN F 25 20.27 -16.61 2.50
C GLN F 25 20.86 -16.12 3.82
N SER F 26 21.87 -15.25 3.76
CA SER F 26 22.47 -14.65 4.97
C SER F 26 21.42 -13.78 5.66
N SER F 27 20.67 -13.01 4.90
CA SER F 27 19.58 -12.14 5.42
C SER F 27 18.55 -12.97 6.16
N ILE F 28 18.14 -14.08 5.58
CA ILE F 28 17.10 -14.93 6.21
C ILE F 28 17.69 -15.53 7.48
N GLY F 29 18.93 -15.96 7.49
CA GLY F 29 19.52 -16.51 8.69
C GLY F 29 19.50 -15.50 9.82
N ASN F 30 19.87 -14.24 9.52
CA ASN F 30 19.84 -13.20 10.53
C ASN F 30 18.42 -12.74 10.89
N LEU F 31 17.45 -12.83 9.98
CA LEU F 31 16.05 -12.62 10.37
C LEU F 31 15.61 -13.66 11.41
N ILE F 32 16.03 -14.91 11.27
CA ILE F 32 15.75 -15.92 12.29
C ILE F 32 16.32 -15.48 13.63
N VAL F 33 17.60 -15.08 13.64
CA VAL F 33 18.25 -14.60 14.87
C VAL F 33 17.47 -13.44 15.47
N ALA F 34 16.99 -12.48 14.65
CA ALA F 34 16.29 -11.31 15.20
C ALA F 34 14.96 -11.69 15.85
N ILE F 35 14.20 -12.58 15.20
CA ILE F 35 12.91 -12.98 15.75
C ILE F 35 13.10 -13.82 17.01
N LYS F 36 14.08 -14.72 17.01
CA LYS F 36 14.47 -15.42 18.24
C LYS F 36 14.87 -14.45 19.36
N SER F 37 15.63 -13.41 19.03
CA SER F 37 15.99 -12.42 20.02
C SER F 37 14.78 -11.78 20.64
N VAL F 38 13.75 -11.48 19.83
CA VAL F 38 12.54 -10.86 20.38
C VAL F 38 11.84 -11.82 21.31
N GLN F 39 11.66 -13.08 20.87
CA GLN F 39 11.09 -14.10 21.73
C GLN F 39 11.87 -14.19 23.04
N ASP F 40 13.19 -14.29 22.97
CA ASP F 40 13.98 -14.45 24.19
C ASP F 40 13.86 -13.23 25.10
N TYR F 41 13.87 -12.01 24.56
CA TYR F 41 13.69 -10.83 25.40
C TYR F 41 12.31 -10.81 26.07
N VAL F 42 11.28 -11.20 25.36
CA VAL F 42 9.92 -11.25 25.94
C VAL F 42 9.93 -12.18 27.16
N ASN F 43 10.40 -13.40 26.97
CA ASN F 43 10.38 -14.49 27.99
C ASN F 43 11.34 -14.23 29.14
N LYS F 44 12.41 -13.47 28.94
CA LYS F 44 13.43 -13.21 29.98
C LYS F 44 13.15 -11.92 30.74
N GLU F 45 12.71 -10.87 30.06
CA GLU F 45 12.57 -9.55 30.68
C GLU F 45 11.13 -9.16 30.91
N ILE F 46 10.22 -9.42 29.99
CA ILE F 46 8.87 -8.89 30.14
C ILE F 46 7.98 -9.84 30.92
N VAL F 47 7.92 -11.11 30.52
CA VAL F 47 6.99 -12.05 31.14
C VAL F 47 7.14 -12.06 32.67
N PRO F 48 8.34 -12.20 33.24
CA PRO F 48 8.44 -12.18 34.70
C PRO F 48 8.09 -10.84 35.32
N SER F 49 8.38 -9.72 34.65
CA SER F 49 8.00 -8.42 35.21
C SER F 49 6.50 -8.32 35.44
N ILE F 50 5.70 -8.99 34.62
CA ILE F 50 4.24 -8.94 34.69
C ILE F 50 3.75 -9.98 35.69
N ALA G 3 -14.89 25.23 -1.43
CA ALA G 3 -15.94 24.19 -1.43
C ALA G 3 -16.17 23.59 -2.81
N LEU G 4 -15.57 24.15 -3.87
CA LEU G 4 -15.74 23.71 -5.27
C LEU G 4 -14.49 24.05 -6.07
N ASP G 5 -13.75 23.06 -6.56
CA ASP G 5 -12.53 23.29 -7.36
C ASP G 5 -12.94 23.61 -8.80
N PRO G 6 -12.15 24.39 -9.55
CA PRO G 6 -12.53 24.68 -10.91
C PRO G 6 -12.43 23.48 -11.86
N ILE G 7 -13.22 23.49 -12.92
CA ILE G 7 -13.17 22.47 -13.99
C ILE G 7 -11.88 22.74 -14.75
N ASP G 8 -11.13 21.71 -15.05
CA ASP G 8 -9.87 21.86 -15.79
C ASP G 8 -9.92 20.94 -17.01
N ILE G 9 -10.13 21.52 -18.19
CA ILE G 9 -10.16 20.71 -19.40
C ILE G 9 -9.01 21.16 -20.31
N SER G 10 -7.94 21.68 -19.72
CA SER G 10 -6.85 22.27 -20.51
C SER G 10 -6.13 21.22 -21.35
N ILE G 11 -5.90 20.03 -20.80
CA ILE G 11 -5.17 19.00 -21.56
C ILE G 11 -5.96 18.60 -22.81
N VAL G 12 -7.28 18.39 -22.65
CA VAL G 12 -8.08 17.99 -23.80
C VAL G 12 -8.23 19.13 -24.76
N LEU G 13 -8.37 20.37 -24.30
CA LEU G 13 -8.42 21.50 -25.21
C LEU G 13 -7.12 21.62 -26.01
N ASN G 14 -5.98 21.35 -25.38
CA ASN G 14 -4.66 21.42 -26.05
C ASN G 14 -4.58 20.35 -27.12
N LYS G 15 -5.07 19.16 -26.84
CA LYS G 15 -5.02 18.11 -27.88
C LYS G 15 -5.90 18.52 -29.06
N ILE G 16 -7.08 19.04 -28.83
CA ILE G 16 -7.96 19.49 -29.94
C ILE G 16 -7.22 20.50 -30.81
N LYS G 17 -6.52 21.46 -30.22
CA LYS G 17 -5.83 22.53 -30.97
C LYS G 17 -4.65 21.94 -31.75
N SER G 18 -3.90 21.02 -31.15
CA SER G 18 -2.75 20.43 -31.82
C SER G 18 -3.19 19.57 -32.99
N ASP G 19 -4.29 18.87 -32.86
CA ASP G 19 -4.79 18.11 -34.00
C ASP G 19 -5.33 19.02 -35.10
N LEU G 20 -6.01 20.10 -34.74
CA LEU G 20 -6.40 21.10 -35.77
C LEU G 20 -5.19 21.62 -36.55
N GLU G 21 -4.11 21.92 -35.85
CA GLU G 21 -2.90 22.47 -36.51
C GLU G 21 -2.30 21.39 -37.43
N GLU G 22 -2.31 20.14 -37.04
CA GLU G 22 -1.83 19.03 -37.88
C GLU G 22 -2.68 18.96 -39.14
N SER G 23 -3.99 19.15 -38.99
CA SER G 23 -4.93 19.10 -40.12
C SER G 23 -4.55 20.15 -41.15
N LYS G 24 -4.27 21.36 -40.69
CA LYS G 24 -3.90 22.51 -41.55
C LYS G 24 -2.61 22.17 -42.31
N GLU G 25 -1.67 21.52 -41.68
CA GLU G 25 -0.40 21.14 -42.34
C GLU G 25 -0.69 20.19 -43.50
N TRP G 26 -1.50 19.16 -43.27
CA TRP G 26 -1.82 18.14 -44.30
C TRP G 26 -2.53 18.82 -45.47
N ILE G 27 -3.41 19.77 -45.24
CA ILE G 27 -4.09 20.44 -46.37
C ILE G 27 -3.05 21.21 -47.18
N ARG G 28 -2.16 21.93 -46.53
CA ARG G 28 -1.09 22.63 -47.23
C ARG G 28 -0.30 21.67 -48.09
N ARG G 29 0.03 20.48 -47.55
CA ARG G 29 0.74 19.49 -48.34
C ARG G 29 -0.08 19.04 -49.52
N SER G 30 -1.38 18.84 -49.32
CA SER G 30 -2.23 18.47 -50.42
C SER G 30 -2.23 19.55 -51.49
N ASN G 31 -2.35 20.81 -51.05
CA ASN G 31 -2.43 21.89 -52.02
C ASN G 31 -1.12 22.09 -52.76
N GLN G 32 -0.01 21.82 -52.12
CA GLN G 32 1.32 21.96 -52.75
C GLN G 32 1.49 20.87 -53.80
N LYS G 33 0.88 19.70 -53.63
CA LYS G 33 0.96 18.62 -54.62
C LYS G 33 0.10 18.99 -55.81
N LEU G 34 -1.02 19.64 -55.56
CA LEU G 34 -1.92 20.10 -56.63
C LEU G 34 -1.23 21.24 -57.39
N ASP G 35 -0.42 22.03 -56.70
CA ASP G 35 0.34 23.16 -57.29
C ASP G 35 1.56 22.62 -58.06
N SER G 36 1.95 21.36 -57.84
CA SER G 36 3.04 20.65 -58.54
C SER G 36 2.55 20.20 -59.91
N ILE G 37 1.25 20.02 -60.07
CA ILE G 37 0.68 19.54 -61.36
C ILE G 37 0.69 20.71 -62.34
N ALA H 3 1.93 12.24 -67.43
CA ALA H 3 0.63 11.94 -66.78
C ALA H 3 0.87 11.08 -65.54
N ARG H 4 1.88 10.21 -65.59
CA ARG H 4 2.20 9.33 -64.45
C ARG H 4 2.51 10.27 -63.30
N SER H 5 3.48 11.16 -63.47
CA SER H 5 3.92 12.14 -62.46
C SER H 5 2.72 12.97 -61.99
N ASP H 6 1.69 13.14 -62.84
CA ASP H 6 0.42 13.87 -62.59
C ASP H 6 -0.56 12.96 -61.82
N ILE H 7 -1.11 11.89 -62.41
CA ILE H 7 -2.07 10.96 -61.76
C ILE H 7 -1.62 10.56 -60.36
N GLU H 8 -0.35 10.20 -60.19
CA GLU H 8 0.26 9.85 -58.89
C GLU H 8 0.18 11.06 -57.97
N LYS H 9 0.39 12.27 -58.48
CA LYS H 9 0.30 13.49 -57.66
C LYS H 9 -1.17 13.64 -57.22
N LEU H 10 -2.16 13.31 -58.05
CA LEU H 10 -3.59 13.37 -57.66
C LEU H 10 -3.83 12.36 -56.56
N LYS H 11 -3.24 11.18 -56.68
CA LYS H 11 -3.36 10.10 -55.69
C LYS H 11 -2.73 10.57 -54.37
N GLU H 12 -1.52 11.09 -54.41
CA GLU H 12 -0.83 11.56 -53.19
C GLU H 12 -1.57 12.75 -52.57
N ALA H 13 -2.20 13.62 -53.37
CA ALA H 13 -2.97 14.76 -52.88
C ALA H 13 -4.14 14.27 -52.02
N ILE H 14 -4.86 13.30 -52.54
CA ILE H 14 -6.03 12.72 -51.83
C ILE H 14 -5.55 12.12 -50.53
N ARG H 15 -4.42 11.43 -50.54
CA ARG H 15 -3.82 10.80 -49.34
C ARG H 15 -3.62 11.86 -48.26
N ASP H 16 -3.05 13.01 -48.62
CA ASP H 16 -2.79 14.14 -47.71
C ASP H 16 -4.14 14.68 -47.23
N THR H 17 -5.06 14.96 -48.15
CA THR H 17 -6.38 15.43 -47.76
C THR H 17 -7.03 14.50 -46.76
N ASN H 18 -6.93 13.20 -47.02
CA ASN H 18 -7.54 12.22 -46.13
C ASN H 18 -6.89 12.28 -44.76
N LYS H 19 -5.57 12.51 -44.72
CA LYS H 19 -4.90 12.67 -43.42
C LYS H 19 -5.41 13.92 -42.70
N ALA H 20 -5.68 14.97 -43.46
CA ALA H 20 -6.22 16.22 -42.93
C ALA H 20 -7.55 15.87 -42.26
N VAL H 21 -8.37 15.09 -42.94
CA VAL H 21 -9.70 14.72 -42.40
C VAL H 21 -9.51 13.90 -41.14
N GLN H 22 -8.54 12.99 -41.11
CA GLN H 22 -8.30 12.14 -39.92
C GLN H 22 -7.91 13.01 -38.72
N SER H 23 -7.18 14.10 -38.96
CA SER H 23 -6.77 15.04 -37.90
C SER H 23 -8.01 15.73 -37.36
N VAL H 24 -8.90 16.19 -38.22
CA VAL H 24 -10.15 16.82 -37.79
C VAL H 24 -10.98 15.81 -36.99
N GLN H 25 -11.01 14.55 -37.41
CA GLN H 25 -11.74 13.48 -36.70
C GLN H 25 -11.18 13.38 -35.27
N SER H 26 -9.86 13.47 -35.09
CA SER H 26 -9.22 13.44 -33.75
C SER H 26 -9.71 14.63 -32.94
N SER H 27 -9.78 15.81 -33.53
CA SER H 27 -10.29 17.04 -32.89
C SER H 27 -11.74 16.80 -32.47
N ILE H 28 -12.57 16.27 -33.34
CA ILE H 28 -14.00 16.06 -32.99
C ILE H 28 -14.10 15.11 -31.79
N GLY H 29 -13.29 14.06 -31.81
CA GLY H 29 -13.24 13.05 -30.74
C GLY H 29 -13.01 13.70 -29.38
N ASN H 30 -12.08 14.63 -29.31
CA ASN H 30 -11.72 15.34 -28.06
C ASN H 30 -12.75 16.44 -27.74
N LEU H 31 -13.35 17.10 -28.73
CA LEU H 31 -14.44 18.01 -28.45
C LEU H 31 -15.60 17.32 -27.74
N ILE H 32 -15.91 16.08 -28.14
CA ILE H 32 -16.90 15.29 -27.44
C ILE H 32 -16.50 15.11 -25.98
N VAL H 33 -15.27 14.71 -25.75
CA VAL H 33 -14.71 14.52 -24.38
C VAL H 33 -14.88 15.83 -23.59
N ALA H 34 -14.50 16.95 -24.17
CA ALA H 34 -14.53 18.25 -23.48
C ALA H 34 -15.98 18.63 -23.10
N ILE H 35 -16.92 18.48 -24.02
CA ILE H 35 -18.32 18.86 -23.73
C ILE H 35 -18.87 17.91 -22.66
N LYS H 36 -18.60 16.63 -22.78
CA LYS H 36 -19.08 15.64 -21.80
C LYS H 36 -18.48 15.99 -20.44
N SER H 37 -17.22 16.39 -20.38
CA SER H 37 -16.62 16.76 -19.10
C SER H 37 -17.35 17.94 -18.45
N VAL H 38 -17.71 18.94 -19.25
CA VAL H 38 -18.43 20.14 -18.76
C VAL H 38 -19.82 19.72 -18.25
N GLN H 39 -20.55 18.93 -19.03
CA GLN H 39 -21.88 18.40 -18.61
C GLN H 39 -21.72 17.69 -17.26
N ASP H 40 -20.74 16.80 -17.13
CA ASP H 40 -20.51 15.99 -15.91
C ASP H 40 -20.16 16.91 -14.75
N TYR H 41 -19.38 17.95 -14.97
CA TYR H 41 -18.99 18.90 -13.90
C TYR H 41 -20.21 19.67 -13.43
N VAL H 42 -21.02 20.17 -14.35
CA VAL H 42 -22.26 20.86 -13.98
C VAL H 42 -23.15 19.97 -13.14
N ASN H 43 -23.32 18.72 -13.59
CA ASN H 43 -24.30 17.83 -13.00
C ASN H 43 -23.83 17.25 -11.68
N LYS H 44 -22.56 16.94 -11.55
CA LYS H 44 -22.06 16.22 -10.37
C LYS H 44 -21.35 17.11 -9.35
N GLU H 45 -21.00 18.33 -9.71
CA GLU H 45 -20.30 19.24 -8.80
C GLU H 45 -21.08 20.54 -8.63
N ILE H 46 -21.53 21.20 -9.70
CA ILE H 46 -22.24 22.49 -9.55
C ILE H 46 -23.64 22.24 -8.97
N VAL H 47 -24.46 21.45 -9.62
CA VAL H 47 -25.84 21.15 -9.16
C VAL H 47 -25.82 20.74 -7.68
N PRO H 48 -25.18 19.65 -7.21
CA PRO H 48 -25.21 19.32 -5.78
C PRO H 48 -24.67 20.40 -4.86
N SER H 49 -23.66 21.15 -5.29
CA SER H 49 -23.04 22.23 -4.50
C SER H 49 -24.00 23.39 -4.35
N ILE H 50 -24.85 23.67 -5.32
CA ILE H 50 -25.82 24.80 -5.18
C ILE H 50 -26.75 24.39 -4.07
N ALA H 51 -27.21 23.14 -4.12
CA ALA H 51 -28.10 22.56 -3.09
C ALA H 51 -27.40 22.48 -1.72
N ARG H 52 -26.10 22.24 -1.66
CA ARG H 52 -25.39 22.14 -0.35
C ARG H 52 -25.49 23.48 0.38
N NH2 H 53 -25.81 24.56 -0.35
HN1 NH2 H 53 -25.98 24.47 -1.36
HN2 NH2 H 53 -25.88 25.47 0.09
N ALA I 3 22.33 0.60 -14.50
CA ALA I 3 21.00 0.54 -13.85
C ALA I 3 21.23 0.56 -12.34
N LEU I 4 20.48 1.37 -11.59
CA LEU I 4 20.67 1.51 -10.13
C LEU I 4 19.31 1.79 -9.53
N ASP I 5 18.91 1.07 -8.49
CA ASP I 5 17.59 1.27 -7.85
C ASP I 5 17.63 2.49 -6.92
N PRO I 6 16.57 3.29 -6.81
CA PRO I 6 16.64 4.41 -5.90
C PRO I 6 16.70 4.06 -4.41
N ILE I 7 17.20 4.96 -3.59
CA ILE I 7 17.19 4.81 -2.13
C ILE I 7 15.82 5.19 -1.63
N ASP I 8 15.29 4.46 -0.65
CA ASP I 8 13.99 4.83 -0.05
C ASP I 8 14.13 4.87 1.47
N ILE I 9 14.17 6.07 2.05
CA ILE I 9 14.22 6.23 3.51
C ILE I 9 12.96 6.91 4.00
N SER I 10 11.85 6.76 3.26
CA SER I 10 10.64 7.52 3.60
C SER I 10 10.01 7.08 4.90
N ILE I 11 10.10 5.79 5.21
CA ILE I 11 9.47 5.31 6.44
C ILE I 11 10.22 5.83 7.65
N VAL I 12 11.55 5.83 7.61
CA VAL I 12 12.33 6.38 8.70
C VAL I 12 12.14 7.88 8.81
N LEU I 13 12.16 8.61 7.67
CA LEU I 13 11.89 10.05 7.73
C LEU I 13 10.52 10.35 8.35
N ASN I 14 9.50 9.57 8.03
CA ASN I 14 8.14 9.77 8.59
C ASN I 14 8.14 9.57 10.11
N LYS I 15 8.88 8.59 10.57
CA LYS I 15 9.01 8.28 12.01
C LYS I 15 9.67 9.46 12.72
N ILE I 16 10.72 10.00 12.12
CA ILE I 16 11.44 11.17 12.68
C ILE I 16 10.47 12.34 12.79
N LYS I 17 9.67 12.61 11.77
CA LYS I 17 8.76 13.75 11.86
C LYS I 17 7.67 13.52 12.91
N SER I 18 7.14 12.29 13.00
CA SER I 18 6.08 12.03 13.98
C SER I 18 6.59 12.13 15.41
N ASP I 19 7.81 11.65 15.69
CA ASP I 19 8.37 11.83 17.02
C ASP I 19 8.67 13.30 17.31
N LEU I 20 9.13 14.06 16.32
CA LEU I 20 9.30 15.52 16.49
C LEU I 20 7.99 16.23 16.87
N GLU I 21 6.90 15.87 16.22
CA GLU I 21 5.58 16.42 16.53
C GLU I 21 5.10 16.02 17.93
N GLU I 22 5.38 14.79 18.37
CA GLU I 22 5.06 14.42 19.74
C GLU I 22 5.85 15.25 20.74
N SER I 23 7.14 15.47 20.44
CA SER I 23 7.98 16.33 21.27
C SER I 23 7.36 17.71 21.41
N LYS I 24 6.88 18.29 20.30
CA LYS I 24 6.25 19.61 20.40
C LYS I 24 5.02 19.57 21.30
N GLU I 25 4.24 18.52 21.23
CA GLU I 25 3.03 18.36 22.06
C GLU I 25 3.43 18.30 23.53
N TRP I 26 4.48 17.56 23.90
CA TRP I 26 4.87 17.49 25.30
C TRP I 26 5.33 18.85 25.82
N ILE I 27 6.02 19.64 25.00
CA ILE I 27 6.43 20.98 25.44
C ILE I 27 5.21 21.89 25.60
N ARG I 28 4.25 21.82 24.68
CA ARG I 28 2.98 22.48 24.92
C ARG I 28 2.45 22.16 26.30
N ARG I 29 2.32 20.88 26.62
CA ARG I 29 1.79 20.44 27.90
C ARG I 29 2.64 20.91 29.08
N SER I 30 3.95 20.91 28.93
CA SER I 30 4.79 21.42 30.01
C SER I 30 4.56 22.91 30.23
N ASN I 31 4.50 23.69 29.16
CA ASN I 31 4.31 25.12 29.31
C ASN I 31 2.94 25.45 29.89
N GLN I 32 1.97 24.62 29.56
CA GLN I 32 0.61 24.72 30.09
C GLN I 32 0.69 24.67 31.62
N LYS I 33 1.29 23.64 32.19
CA LYS I 33 1.43 23.46 33.66
C LYS I 33 2.18 24.63 34.27
N LEU I 34 3.23 25.12 33.64
CA LEU I 34 3.99 26.31 34.12
C LEU I 34 3.03 27.51 34.16
N ASP I 35 2.16 27.64 33.18
CA ASP I 35 1.25 28.81 33.08
C ASP I 35 0.20 28.71 34.18
N SER I 36 -0.15 27.50 34.57
CA SER I 36 -1.20 27.21 35.57
C SER I 36 -0.68 27.44 36.99
N ILE I 37 0.62 27.63 37.21
CA ILE I 37 1.20 27.91 38.56
C ILE I 37 0.85 29.36 38.89
N SER J 5 0.11 22.73 45.90
CA SER J 5 -0.14 22.20 44.55
C SER J 5 0.74 22.92 43.51
N ASP J 6 1.54 23.90 43.90
CA ASP J 6 2.50 24.65 43.05
C ASP J 6 3.66 23.71 42.70
N ILE J 7 4.23 23.06 43.71
CA ILE J 7 5.40 22.15 43.64
C ILE J 7 5.01 20.88 42.89
N GLU J 8 3.73 20.54 42.88
CA GLU J 8 3.23 19.36 42.14
C GLU J 8 3.16 19.77 40.66
N LYS J 9 2.87 21.04 40.38
CA LYS J 9 2.76 21.56 39.00
C LYS J 9 4.16 21.66 38.38
N LEU J 10 5.16 22.03 39.15
CA LEU J 10 6.56 22.11 38.72
C LEU J 10 7.01 20.71 38.37
N LYS J 11 6.72 19.76 39.25
CA LYS J 11 7.13 18.35 39.12
C LYS J 11 6.53 17.76 37.85
N GLU J 12 5.27 18.00 37.57
CA GLU J 12 4.66 17.44 36.38
C GLU J 12 5.11 18.17 35.11
N ALA J 13 5.40 19.48 35.19
CA ALA J 13 5.94 20.16 34.02
C ALA J 13 7.28 19.58 33.63
N ILE J 14 8.16 19.34 34.61
CA ILE J 14 9.44 18.71 34.33
C ILE J 14 9.22 17.34 33.74
N ARG J 15 8.22 16.62 34.26
CA ARG J 15 7.90 15.32 33.68
C ARG J 15 7.58 15.45 32.20
N ASP J 16 6.81 16.48 31.84
CA ASP J 16 6.45 16.64 30.43
C ASP J 16 7.66 17.05 29.59
N THR J 17 8.47 17.98 30.10
CA THR J 17 9.74 18.35 29.45
C THR J 17 10.61 17.11 29.17
N ASN J 18 10.74 16.21 30.16
CA ASN J 18 11.52 14.99 29.97
C ASN J 18 10.94 14.11 28.86
N LYS J 19 9.61 13.97 28.79
CA LYS J 19 9.01 13.24 27.70
C LYS J 19 9.28 13.91 26.36
N ALA J 20 9.30 15.25 26.33
CA ALA J 20 9.65 15.95 25.12
C ALA J 20 11.07 15.59 24.69
N VAL J 21 12.01 15.57 25.63
CA VAL J 21 13.39 15.18 25.34
C VAL J 21 13.46 13.73 24.84
N GLN J 22 12.67 12.85 25.44
CA GLN J 22 12.66 11.46 25.02
C GLN J 22 12.19 11.34 23.58
N SER J 23 11.19 12.13 23.16
CA SER J 23 10.71 12.10 21.78
C SER J 23 11.78 12.61 20.84
N VAL J 24 12.50 13.64 21.26
CA VAL J 24 13.66 14.10 20.50
C VAL J 24 14.73 13.01 20.43
N GLN J 25 14.94 12.29 21.53
CA GLN J 25 15.89 11.17 21.51
C GLN J 25 15.49 10.11 20.47
N SER J 26 14.20 9.82 20.33
CA SER J 26 13.72 8.89 19.29
C SER J 26 13.96 9.43 17.89
N SER J 27 13.70 10.72 17.66
CA SER J 27 14.02 11.33 16.38
C SER J 27 15.54 11.22 16.09
N ILE J 28 16.39 11.46 17.07
CA ILE J 28 17.83 11.36 16.79
C ILE J 28 18.23 9.92 16.48
N GLY J 29 17.71 8.95 17.21
CA GLY J 29 18.01 7.55 16.90
C GLY J 29 17.68 7.18 15.45
N ASN J 30 16.56 7.67 14.94
CA ASN J 30 16.22 7.41 13.55
C ASN J 30 16.95 8.32 12.55
N LEU J 31 17.43 9.49 12.96
CA LEU J 31 18.32 10.27 12.12
C LEU J 31 19.65 9.53 11.89
N ILE J 32 20.17 8.82 12.91
CA ILE J 32 21.34 7.95 12.74
C ILE J 32 21.04 6.83 11.73
N VAL J 33 19.89 6.16 11.87
CA VAL J 33 19.54 5.11 10.93
C VAL J 33 19.46 5.68 9.53
N ALA J 34 18.88 6.87 9.38
CA ALA J 34 18.68 7.45 8.05
C ALA J 34 20.00 7.83 7.39
N ILE J 35 20.93 8.44 8.15
CA ILE J 35 22.22 8.81 7.59
C ILE J 35 23.06 7.59 7.31
N LYS J 36 23.02 6.59 8.20
CA LYS J 36 23.76 5.35 7.95
C LYS J 36 23.22 4.65 6.69
N SER J 37 21.90 4.70 6.45
CA SER J 37 21.33 4.14 5.22
C SER J 37 21.89 4.82 3.97
N VAL J 38 21.98 6.16 4.01
CA VAL J 38 22.60 6.91 2.91
C VAL J 38 24.06 6.47 2.72
N GLN J 39 24.85 6.42 3.81
CA GLN J 39 26.23 5.95 3.67
C GLN J 39 26.29 4.58 2.98
N ASP J 40 25.49 3.64 3.46
CA ASP J 40 25.54 2.28 2.97
C ASP J 40 25.05 2.18 1.54
N TYR J 41 24.09 3.01 1.14
CA TYR J 41 23.64 3.02 -0.24
C TYR J 41 24.73 3.56 -1.18
N VAL J 42 25.34 4.68 -0.82
CA VAL J 42 26.50 5.18 -1.57
C VAL J 42 27.51 4.07 -1.76
N ASN J 43 27.90 3.41 -0.66
CA ASN J 43 29.04 2.51 -0.75
C ASN J 43 28.70 1.16 -1.39
N LYS J 44 27.50 0.66 -1.20
CA LYS J 44 27.16 -0.68 -1.63
C LYS J 44 26.35 -0.69 -2.92
N GLU J 45 25.90 0.48 -3.41
CA GLU J 45 25.12 0.52 -4.64
C GLU J 45 25.68 1.59 -5.57
N ILE J 46 26.00 2.80 -5.09
CA ILE J 46 26.47 3.81 -6.04
C ILE J 46 27.89 3.49 -6.48
N VAL J 47 28.80 3.36 -5.54
CA VAL J 47 30.21 3.16 -5.87
C VAL J 47 30.39 1.98 -6.82
N PRO J 48 29.90 0.77 -6.54
CA PRO J 48 30.03 -0.32 -7.52
C PRO J 48 29.31 -0.02 -8.82
N SER J 49 28.21 0.72 -8.78
CA SER J 49 27.49 1.00 -10.01
C SER J 49 28.31 1.87 -10.96
N ILE J 50 29.00 2.86 -10.42
CA ILE J 50 29.88 3.73 -11.23
C ILE J 50 31.05 2.90 -11.72
N ALA J 51 31.45 1.87 -11.00
CA ALA J 51 32.57 1.03 -11.45
C ALA J 51 32.14 0.07 -12.56
N ARG J 52 30.84 -0.16 -12.79
CA ARG J 52 30.38 -1.09 -13.85
C ARG J 52 29.71 -0.29 -14.98
N ALA K 3 -37.52 6.65 58.15
CA ALA K 3 -36.40 6.79 59.11
C ALA K 3 -35.08 6.67 58.35
N LEU K 4 -34.88 5.52 57.71
CA LEU K 4 -33.68 5.29 56.87
C LEU K 4 -33.95 5.87 55.48
N ASP K 5 -32.95 6.46 54.84
CA ASP K 5 -33.14 6.91 53.44
C ASP K 5 -33.32 5.64 52.62
N PRO K 6 -34.37 5.46 51.80
CA PRO K 6 -34.62 4.22 51.08
C PRO K 6 -33.52 3.88 50.07
N ILE K 7 -33.53 2.64 49.55
CA ILE K 7 -32.47 2.19 48.61
C ILE K 7 -32.83 2.67 47.20
N ASP K 8 -31.91 3.30 46.47
CA ASP K 8 -32.17 3.78 45.10
C ASP K 8 -31.09 3.24 44.16
N ILE K 9 -31.39 2.17 43.44
CA ILE K 9 -30.45 1.59 42.43
C ILE K 9 -31.16 1.57 41.09
N SER K 10 -32.24 2.33 40.93
CA SER K 10 -33.09 2.36 39.72
C SER K 10 -32.29 2.75 38.49
N ILE K 11 -31.25 3.58 38.59
CA ILE K 11 -30.45 3.97 37.39
C ILE K 11 -29.47 2.86 37.06
N VAL K 12 -28.97 2.10 38.04
CA VAL K 12 -28.07 0.95 37.71
C VAL K 12 -28.93 -0.07 36.99
N LEU K 13 -30.17 -0.28 37.41
CA LEU K 13 -31.10 -1.22 36.77
C LEU K 13 -31.42 -0.77 35.34
N ASN K 14 -31.63 0.52 35.11
CA ASN K 14 -31.97 1.08 33.78
C ASN K 14 -30.81 0.81 32.81
N LYS K 15 -29.59 0.99 33.26
CA LYS K 15 -28.35 0.78 32.48
C LYS K 15 -28.22 -0.71 32.11
N ILE K 16 -28.51 -1.62 33.03
CA ILE K 16 -28.45 -3.08 32.79
C ILE K 16 -29.49 -3.41 31.75
N LYS K 17 -30.65 -2.78 31.87
CA LYS K 17 -31.73 -3.00 30.91
C LYS K 17 -31.36 -2.49 29.52
N SER K 18 -30.65 -1.37 29.47
CA SER K 18 -30.30 -0.83 28.17
C SER K 18 -29.21 -1.64 27.48
N ASP K 19 -28.21 -2.10 28.25
CA ASP K 19 -27.20 -2.99 27.69
C ASP K 19 -27.83 -4.28 27.19
N LEU K 20 -28.85 -4.78 27.87
CA LEU K 20 -29.52 -5.99 27.42
C LEU K 20 -30.25 -5.73 26.10
N GLU K 21 -30.94 -4.61 26.00
CA GLU K 21 -31.69 -4.30 24.76
C GLU K 21 -30.67 -4.21 23.61
N GLU K 22 -29.54 -3.58 23.84
CA GLU K 22 -28.45 -3.48 22.85
C GLU K 22 -28.03 -4.88 22.43
N SER K 23 -27.85 -5.78 23.40
CA SER K 23 -27.44 -7.18 23.16
C SER K 23 -28.40 -7.87 22.20
N LYS K 24 -29.69 -7.72 22.42
CA LYS K 24 -30.70 -8.36 21.59
C LYS K 24 -30.64 -7.83 20.17
N GLU K 25 -30.35 -6.53 20.01
CA GLU K 25 -30.26 -6.01 18.66
C GLU K 25 -29.04 -6.55 17.90
N TRP K 26 -27.94 -6.83 18.58
CA TRP K 26 -26.79 -7.40 17.88
C TRP K 26 -27.09 -8.83 17.44
N ILE K 27 -27.85 -9.60 18.23
CA ILE K 27 -28.22 -10.95 17.78
C ILE K 27 -29.15 -10.88 16.56
N ARG K 28 -30.11 -9.96 16.56
CA ARG K 28 -30.92 -9.77 15.38
C ARG K 28 -30.04 -9.53 14.17
N ARG K 29 -29.04 -8.66 14.31
CA ARG K 29 -28.16 -8.36 13.18
C ARG K 29 -27.34 -9.57 12.74
N SER K 30 -26.83 -10.34 13.71
CA SER K 30 -26.14 -11.58 13.40
C SER K 30 -27.00 -12.50 12.58
N ASN K 31 -28.25 -12.72 13.03
CA ASN K 31 -29.09 -13.69 12.34
C ASN K 31 -29.42 -13.21 10.93
N GLN K 32 -29.49 -11.91 10.75
CA GLN K 32 -29.76 -11.29 9.43
C GLN K 32 -28.64 -11.72 8.50
N LYS K 33 -27.41 -11.63 8.95
CA LYS K 33 -26.27 -12.03 8.11
C LYS K 33 -26.34 -13.53 7.86
N LEU K 34 -26.62 -14.34 8.86
CA LEU K 34 -26.61 -15.78 8.64
C LEU K 34 -27.65 -16.16 7.60
N ASP K 35 -28.83 -15.52 7.65
CA ASP K 35 -29.94 -15.84 6.75
C ASP K 35 -29.67 -15.41 5.30
N SER K 36 -28.80 -14.42 5.13
CA SER K 36 -28.42 -13.95 3.80
C SER K 36 -27.45 -14.88 3.10
N ILE K 37 -26.95 -15.91 3.78
CA ILE K 37 -26.01 -16.83 3.14
C ILE K 37 -26.65 -17.86 2.22
N GLN L 2 -18.92 -18.20 -4.90
CA GLN L 2 -19.45 -17.36 -3.80
C GLN L 2 -19.11 -17.95 -2.42
N ALA L 3 -18.04 -18.72 -2.27
CA ALA L 3 -17.57 -19.21 -0.95
C ALA L 3 -16.86 -18.05 -0.25
N ARG L 4 -16.32 -17.11 -1.00
CA ARG L 4 -15.68 -15.91 -0.44
C ARG L 4 -16.76 -14.97 0.11
N SER L 5 -17.87 -14.84 -0.59
CA SER L 5 -18.99 -13.99 -0.15
C SER L 5 -19.62 -14.55 1.12
N ASP L 6 -19.80 -15.88 1.17
CA ASP L 6 -20.37 -16.60 2.31
C ASP L 6 -19.36 -16.51 3.46
N ILE L 7 -18.08 -16.61 3.19
CA ILE L 7 -17.09 -16.43 4.25
C ILE L 7 -17.20 -15.03 4.86
N GLU L 8 -17.31 -13.99 4.02
CA GLU L 8 -17.41 -12.65 4.58
C GLU L 8 -18.67 -12.46 5.39
N LYS L 9 -19.77 -13.12 5.01
CA LYS L 9 -20.99 -13.01 5.77
C LYS L 9 -20.85 -13.71 7.11
N LEU L 10 -20.32 -14.94 7.10
CA LEU L 10 -20.07 -15.64 8.35
C LEU L 10 -19.23 -14.80 9.30
N LYS L 11 -18.15 -14.21 8.78
CA LYS L 11 -17.30 -13.33 9.59
C LYS L 11 -18.08 -12.18 10.18
N GLU L 12 -18.91 -11.51 9.37
CA GLU L 12 -19.67 -10.38 9.88
C GLU L 12 -20.72 -10.84 10.90
N ALA L 13 -21.29 -12.03 10.69
CA ALA L 13 -22.22 -12.59 11.68
C ALA L 13 -21.54 -12.78 13.03
N ILE L 14 -20.34 -13.32 13.02
CA ILE L 14 -19.62 -13.55 14.30
C ILE L 14 -19.24 -12.21 14.95
N ARG L 15 -18.82 -11.23 14.16
CA ARG L 15 -18.57 -9.91 14.74
C ARG L 15 -19.80 -9.40 15.48
N ASP L 16 -21.00 -9.57 14.91
CA ASP L 16 -22.22 -9.10 15.60
C ASP L 16 -22.48 -9.93 16.87
N THR L 17 -22.30 -11.25 16.80
CA THR L 17 -22.46 -12.09 17.99
C THR L 17 -21.49 -11.64 19.06
N ASN L 18 -20.24 -11.31 18.68
CA ASN L 18 -19.31 -10.85 19.69
C ASN L 18 -19.76 -9.55 20.36
N LYS L 19 -20.32 -8.61 19.57
CA LYS L 19 -20.87 -7.40 20.16
C LYS L 19 -22.03 -7.71 21.10
N ALA L 20 -22.89 -8.66 20.74
CA ALA L 20 -23.93 -9.11 21.65
C ALA L 20 -23.34 -9.58 22.98
N VAL L 21 -22.27 -10.37 22.94
CA VAL L 21 -21.67 -10.85 24.18
C VAL L 21 -21.06 -9.70 24.96
N GLN L 22 -20.51 -8.71 24.26
CA GLN L 22 -19.94 -7.57 24.95
C GLN L 22 -21.02 -6.79 25.66
N SER L 23 -22.22 -6.68 25.08
CA SER L 23 -23.31 -5.97 25.76
C SER L 23 -23.74 -6.73 27.00
N VAL L 24 -23.82 -8.06 26.90
CA VAL L 24 -24.08 -8.89 28.07
C VAL L 24 -23.02 -8.71 29.14
N GLN L 25 -21.76 -8.66 28.75
CA GLN L 25 -20.69 -8.38 29.69
C GLN L 25 -20.89 -7.06 30.43
N SER L 26 -21.36 -6.03 29.72
CA SER L 26 -21.65 -4.73 30.35
C SER L 26 -22.77 -4.92 31.36
N SER L 27 -23.84 -5.61 30.99
CA SER L 27 -24.98 -5.90 31.88
C SER L 27 -24.46 -6.56 33.16
N ILE L 28 -23.66 -7.61 33.02
CA ILE L 28 -23.16 -8.36 34.19
C ILE L 28 -22.28 -7.46 35.05
N GLY L 29 -21.49 -6.61 34.41
CA GLY L 29 -20.69 -5.66 35.19
C GLY L 29 -21.58 -4.81 36.08
N ASN L 30 -22.67 -4.27 35.56
CA ASN L 30 -23.57 -3.39 36.33
C ASN L 30 -24.37 -4.21 37.33
N LEU L 31 -24.63 -5.48 37.06
CA LEU L 31 -25.33 -6.36 38.02
C LEU L 31 -24.47 -6.53 39.25
N ILE L 32 -23.17 -6.68 39.06
CA ILE L 32 -22.21 -6.78 40.20
C ILE L 32 -22.34 -5.50 41.03
N VAL L 33 -22.33 -4.36 40.38
CA VAL L 33 -22.55 -3.07 41.06
C VAL L 33 -23.84 -3.12 41.87
N ALA L 34 -24.95 -3.45 41.21
CA ALA L 34 -26.24 -3.41 41.87
C ALA L 34 -26.23 -4.27 43.12
N ILE L 35 -25.78 -5.51 43.00
CA ILE L 35 -25.84 -6.39 44.15
C ILE L 35 -24.93 -5.90 45.25
N LYS L 36 -23.84 -5.24 44.89
CA LYS L 36 -22.89 -4.68 45.90
C LYS L 36 -23.57 -3.49 46.57
N SER L 37 -24.27 -2.65 45.83
CA SER L 37 -25.07 -1.59 46.45
C SER L 37 -26.03 -2.17 47.49
N VAL L 38 -26.69 -3.28 47.16
CA VAL L 38 -27.67 -3.84 48.11
C VAL L 38 -26.95 -4.37 49.34
N GLN L 39 -25.83 -5.06 49.15
CA GLN L 39 -25.07 -5.57 50.29
C GLN L 39 -24.66 -4.44 51.23
N ASP L 40 -23.97 -3.44 50.69
CA ASP L 40 -23.43 -2.36 51.51
C ASP L 40 -24.53 -1.54 52.14
N TYR L 41 -25.70 -1.44 51.49
CA TYR L 41 -26.83 -0.76 52.12
C TYR L 41 -27.32 -1.52 53.33
N VAL L 42 -27.38 -2.85 53.25
CA VAL L 42 -27.81 -3.63 54.40
C VAL L 42 -26.83 -3.46 55.55
N ASN L 43 -25.57 -3.72 55.28
CA ASN L 43 -24.51 -3.73 56.30
C ASN L 43 -24.39 -2.34 56.91
N LYS L 44 -24.54 -1.31 56.10
CA LYS L 44 -24.46 0.10 56.51
C LYS L 44 -25.70 0.54 57.30
N GLU L 45 -26.91 0.37 56.77
CA GLU L 45 -28.16 0.95 57.35
C GLU L 45 -29.07 -0.04 58.10
N ILE L 46 -28.97 -1.34 57.94
CA ILE L 46 -29.97 -2.20 58.63
C ILE L 46 -29.29 -3.01 59.71
N VAL L 47 -28.03 -3.37 59.54
CA VAL L 47 -27.38 -4.20 60.59
C VAL L 47 -27.40 -3.37 61.88
N PRO L 48 -26.92 -2.12 61.86
CA PRO L 48 -26.86 -1.28 63.06
C PRO L 48 -28.15 -1.18 63.88
N SER L 49 -29.28 -1.09 63.21
CA SER L 49 -30.61 -0.91 63.84
C SER L 49 -31.01 -2.19 64.57
N LEU M 4 9.17 6.01 -35.69
CA LEU M 4 8.15 6.66 -34.83
C LEU M 4 8.83 7.21 -33.57
N ASP M 5 8.43 8.37 -33.09
CA ASP M 5 9.01 8.97 -31.86
C ASP M 5 8.56 8.11 -30.67
N PRO M 6 9.42 7.70 -29.72
CA PRO M 6 8.94 6.98 -28.53
C PRO M 6 7.78 7.61 -27.74
N ILE M 7 7.03 6.80 -27.02
CA ILE M 7 5.95 7.32 -26.16
C ILE M 7 6.64 7.69 -24.85
N ASP M 8 6.37 8.87 -24.31
CA ASP M 8 6.97 9.28 -23.03
C ASP M 8 5.89 9.92 -22.16
N ILE M 9 5.50 9.31 -21.06
CA ILE M 9 4.46 9.91 -20.18
C ILE M 9 5.11 10.16 -18.83
N SER M 10 6.39 10.44 -18.80
CA SER M 10 7.12 10.70 -17.54
C SER M 10 6.56 11.97 -16.89
N ILE M 11 6.21 13.02 -17.62
CA ILE M 11 5.67 14.25 -17.00
C ILE M 11 4.44 13.89 -16.14
N VAL M 12 3.45 13.26 -16.72
CA VAL M 12 2.22 12.96 -15.98
C VAL M 12 2.50 11.93 -14.89
N LEU M 13 3.33 10.93 -15.17
CA LEU M 13 3.68 9.99 -14.12
C LEU M 13 4.29 10.71 -12.92
N ASN M 14 5.14 11.70 -13.13
CA ASN M 14 5.74 12.48 -12.01
C ASN M 14 4.63 13.18 -11.22
N LYS M 15 3.60 13.65 -11.89
CA LYS M 15 2.50 14.35 -11.22
C LYS M 15 1.73 13.35 -10.38
N ILE M 16 1.57 12.12 -10.82
CA ILE M 16 0.83 11.11 -10.03
C ILE M 16 1.63 10.83 -8.76
N LYS M 17 2.93 10.64 -8.92
CA LYS M 17 3.85 10.39 -7.79
C LYS M 17 3.79 11.42 -6.74
N SER M 18 3.81 12.66 -7.16
CA SER M 18 3.79 13.83 -6.27
C SER M 18 2.49 13.85 -5.44
N ASP M 19 1.34 13.67 -6.07
CA ASP M 19 0.03 13.59 -5.39
C ASP M 19 0.08 12.44 -4.39
N LEU M 20 0.64 11.31 -4.78
CA LEU M 20 0.70 10.16 -3.88
C LEU M 20 1.58 10.42 -2.66
N GLU M 21 2.72 11.11 -2.84
CA GLU M 21 3.55 11.45 -1.69
C GLU M 21 2.87 12.44 -0.76
N GLU M 22 2.08 13.35 -1.33
CA GLU M 22 1.29 14.26 -0.48
C GLU M 22 0.25 13.49 0.31
N SER M 23 -0.48 12.59 -0.37
CA SER M 23 -1.46 11.75 0.31
C SER M 23 -0.86 11.05 1.53
N LYS M 24 0.33 10.52 1.38
CA LYS M 24 0.99 9.79 2.48
C LYS M 24 1.24 10.73 3.65
N GLU M 25 1.61 11.97 3.38
CA GLU M 25 1.87 12.92 4.46
C GLU M 25 0.59 13.25 5.20
N TRP M 26 -0.52 13.50 4.52
CA TRP M 26 -1.77 13.76 5.23
C TRP M 26 -2.15 12.58 6.10
N ILE M 27 -1.97 11.35 5.63
CA ILE M 27 -2.30 10.21 6.48
C ILE M 27 -1.37 10.14 7.69
N ARG M 28 -0.06 10.40 7.48
CA ARG M 28 0.87 10.50 8.62
C ARG M 28 0.35 11.47 9.65
N ARG M 29 -0.07 12.64 9.19
CA ARG M 29 -0.55 13.68 10.10
C ARG M 29 -1.85 13.28 10.80
N SER M 30 -2.74 12.59 10.12
CA SER M 30 -4.02 12.11 10.71
C SER M 30 -3.72 11.15 11.86
N ASN M 31 -2.85 10.18 11.63
CA ASN M 31 -2.46 9.15 12.62
C ASN M 31 -1.84 9.83 13.85
N GLN M 32 -0.94 10.77 13.62
CA GLN M 32 -0.25 11.52 14.69
C GLN M 32 -1.32 12.18 15.57
N LYS M 33 -2.29 12.86 14.99
CA LYS M 33 -3.37 13.52 15.74
C LYS M 33 -4.11 12.46 16.55
N LEU M 34 -4.46 11.33 15.95
CA LEU M 34 -5.16 10.29 16.71
C LEU M 34 -4.29 9.75 17.84
N ASP M 35 -2.99 9.62 17.60
CA ASP M 35 -2.09 9.14 18.65
C ASP M 35 -2.12 10.07 19.85
N SER M 36 -2.39 11.33 19.63
CA SER M 36 -2.37 12.36 20.70
C SER M 36 -3.65 12.35 21.55
N ILE M 37 -4.70 11.62 21.17
CA ILE M 37 -5.97 11.66 21.93
C ILE M 37 -5.80 10.89 23.23
N NH2 M 38 -5.14 9.76 23.18
HN1 NH2 M 38 -5.00 9.21 24.03
HN2 NH2 M 38 -4.79 9.40 22.29
N LEU N 4 6.46 -10.13 -32.08
CA LEU N 4 7.03 -9.68 -30.79
C LEU N 4 6.45 -10.54 -29.68
N ASP N 5 7.18 -10.78 -28.59
CA ASP N 5 6.64 -11.58 -27.46
C ASP N 5 5.52 -10.78 -26.78
N PRO N 6 4.42 -11.38 -26.30
CA PRO N 6 3.32 -10.64 -25.72
C PRO N 6 3.56 -10.02 -24.34
N ILE N 7 3.04 -8.82 -24.16
CA ILE N 7 3.11 -8.06 -22.89
C ILE N 7 2.26 -8.81 -21.85
N ASP N 8 2.71 -8.91 -20.62
CA ASP N 8 1.93 -9.63 -19.58
C ASP N 8 2.11 -8.89 -18.26
N ILE N 9 1.19 -8.00 -17.92
CA ILE N 9 1.25 -7.21 -16.65
C ILE N 9 0.26 -7.81 -15.66
N SER N 10 -0.13 -9.05 -15.84
CA SER N 10 -1.03 -9.72 -14.90
C SER N 10 -0.48 -9.72 -13.47
N ILE N 11 0.84 -9.82 -13.28
CA ILE N 11 1.40 -9.83 -11.93
C ILE N 11 1.15 -8.50 -11.22
N VAL N 12 1.45 -7.38 -11.85
CA VAL N 12 1.16 -6.10 -11.20
C VAL N 12 -0.34 -5.92 -11.04
N LEU N 13 -1.15 -6.29 -12.03
CA LEU N 13 -2.59 -6.10 -11.84
C LEU N 13 -3.10 -6.92 -10.65
N ASN N 14 -2.55 -8.12 -10.43
CA ASN N 14 -2.95 -8.90 -9.27
C ASN N 14 -2.61 -8.20 -7.96
N LYS N 15 -1.46 -7.53 -7.91
CA LYS N 15 -1.10 -6.79 -6.70
C LYS N 15 -2.11 -5.69 -6.42
N ILE N 16 -2.53 -4.98 -7.46
CA ILE N 16 -3.52 -3.89 -7.32
C ILE N 16 -4.85 -4.46 -6.82
N LYS N 17 -5.29 -5.57 -7.38
CA LYS N 17 -6.55 -6.22 -6.94
C LYS N 17 -6.46 -6.59 -5.46
N SER N 18 -5.32 -7.10 -5.03
CA SER N 18 -5.10 -7.49 -3.63
C SER N 18 -5.19 -6.24 -2.76
N ASP N 19 -4.52 -5.16 -3.09
CA ASP N 19 -4.55 -3.93 -2.30
C ASP N 19 -5.97 -3.38 -2.23
N LEU N 20 -6.68 -3.48 -3.33
CA LEU N 20 -8.09 -3.02 -3.41
C LEU N 20 -8.94 -3.83 -2.43
N GLU N 21 -8.80 -5.15 -2.43
CA GLU N 21 -9.56 -6.04 -1.51
C GLU N 21 -9.23 -5.67 -0.06
N GLU N 22 -7.97 -5.41 0.24
CA GLU N 22 -7.55 -5.03 1.61
C GLU N 22 -8.21 -3.70 1.96
N SER N 23 -8.26 -2.78 1.03
CA SER N 23 -8.92 -1.48 1.31
C SER N 23 -10.39 -1.67 1.66
N LYS N 24 -11.06 -2.62 1.00
CA LYS N 24 -12.49 -2.78 1.18
C LYS N 24 -12.78 -3.32 2.56
N GLU N 25 -11.92 -4.21 3.07
CA GLU N 25 -12.09 -4.73 4.42
C GLU N 25 -11.88 -3.62 5.47
N TRP N 26 -10.85 -2.78 5.32
CA TRP N 26 -10.67 -1.72 6.31
C TRP N 26 -11.88 -0.79 6.35
N ILE N 27 -12.51 -0.51 5.19
CA ILE N 27 -13.71 0.33 5.18
C ILE N 27 -14.87 -0.38 5.86
N ARG N 28 -15.09 -1.67 5.58
CA ARG N 28 -16.08 -2.42 6.35
C ARG N 28 -15.84 -2.34 7.85
N ARG N 29 -14.57 -2.43 8.29
CA ARG N 29 -14.25 -2.34 9.71
C ARG N 29 -14.53 -0.96 10.28
N SER N 30 -14.18 0.11 9.56
CA SER N 30 -14.53 1.45 9.99
C SER N 30 -16.04 1.62 10.15
N ASN N 31 -16.82 1.22 9.13
CA ASN N 31 -18.27 1.33 9.25
C ASN N 31 -18.82 0.46 10.38
N GLN N 32 -18.22 -0.72 10.63
CA GLN N 32 -18.68 -1.52 11.76
C GLN N 32 -18.50 -0.76 13.07
N LYS N 33 -17.34 -0.10 13.26
CA LYS N 33 -17.12 0.69 14.47
C LYS N 33 -18.13 1.82 14.60
N LEU N 34 -18.41 2.52 13.51
CA LEU N 34 -19.41 3.60 13.57
C LEU N 34 -20.80 3.05 13.87
N ASP N 35 -21.11 1.87 13.39
CA ASP N 35 -22.40 1.20 13.67
C ASP N 35 -22.54 0.99 15.18
N SER N 36 -21.44 0.92 15.91
CA SER N 36 -21.40 0.69 17.37
C SER N 36 -21.74 1.94 18.17
N ILE N 37 -21.72 3.10 17.54
CA ILE N 37 -22.08 4.43 18.13
C ILE N 37 -23.55 4.70 17.84
N LEU O 4 -5.87 -2.94 -38.62
CA LEU O 4 -6.30 -3.04 -37.21
C LEU O 4 -7.35 -1.99 -36.92
N ASP O 5 -8.36 -2.28 -36.12
CA ASP O 5 -9.30 -1.22 -35.68
C ASP O 5 -8.59 -0.50 -34.51
N PRO O 6 -8.83 0.78 -34.26
CA PRO O 6 -8.14 1.46 -33.19
C PRO O 6 -8.71 1.14 -31.81
N ILE O 7 -7.90 1.29 -30.77
CA ILE O 7 -8.28 1.04 -29.37
C ILE O 7 -9.30 2.09 -28.93
N ASP O 8 -10.32 1.73 -28.18
CA ASP O 8 -11.36 2.66 -27.70
C ASP O 8 -11.72 2.28 -26.27
N ILE O 9 -11.13 2.93 -25.26
CA ILE O 9 -11.41 2.64 -23.83
C ILE O 9 -12.16 3.81 -23.21
N SER O 10 -12.79 4.65 -24.01
CA SER O 10 -13.59 5.78 -23.53
C SER O 10 -14.65 5.25 -22.55
N ILE O 11 -15.20 4.06 -22.77
CA ILE O 11 -16.26 3.60 -21.87
C ILE O 11 -15.71 3.41 -20.47
N VAL O 12 -14.59 2.72 -20.37
CA VAL O 12 -14.01 2.50 -19.05
C VAL O 12 -13.53 3.85 -18.46
N LEU O 13 -12.91 4.71 -19.28
CA LEU O 13 -12.43 5.99 -18.75
C LEU O 13 -13.59 6.81 -18.22
N ASN O 14 -14.75 6.76 -18.90
CA ASN O 14 -15.92 7.50 -18.44
C ASN O 14 -16.39 7.01 -17.09
N LYS O 15 -16.30 5.70 -16.84
CA LYS O 15 -16.74 5.11 -15.56
C LYS O 15 -15.84 5.60 -14.45
N ILE O 16 -14.53 5.59 -14.69
CA ILE O 16 -13.56 6.06 -13.71
C ILE O 16 -13.83 7.51 -13.34
N LYS O 17 -14.05 8.37 -14.33
CA LYS O 17 -14.33 9.81 -14.13
C LYS O 17 -15.57 9.99 -13.24
N SER O 18 -16.64 9.27 -13.54
CA SER O 18 -17.90 9.33 -12.77
C SER O 18 -17.62 8.93 -11.31
N ASP O 19 -16.97 7.81 -11.04
CA ASP O 19 -16.65 7.42 -9.67
C ASP O 19 -15.82 8.53 -9.00
N LEU O 20 -14.90 9.13 -9.74
CA LEU O 20 -14.04 10.15 -9.15
C LEU O 20 -14.81 11.40 -8.77
N GLU O 21 -15.73 11.82 -9.63
CA GLU O 21 -16.56 13.01 -9.35
C GLU O 21 -17.45 12.73 -8.15
N GLU O 22 -18.01 11.54 -8.04
CA GLU O 22 -18.83 11.22 -6.88
C GLU O 22 -18.01 11.20 -5.59
N SER O 23 -16.74 10.76 -5.67
CA SER O 23 -15.85 10.83 -4.52
C SER O 23 -15.66 12.27 -4.02
N LYS O 24 -15.46 13.20 -4.95
CA LYS O 24 -15.26 14.60 -4.60
C LYS O 24 -16.43 15.16 -3.83
N GLU O 25 -17.65 14.76 -4.22
CA GLU O 25 -18.85 15.25 -3.54
C GLU O 25 -18.97 14.69 -2.12
N TRP O 26 -18.62 13.44 -1.91
CA TRP O 26 -18.67 12.90 -0.56
C TRP O 26 -17.69 13.61 0.37
N ILE O 27 -16.51 13.96 -0.15
CA ILE O 27 -15.53 14.70 0.63
C ILE O 27 -16.07 16.09 0.95
N ARG O 28 -16.73 16.72 -0.01
CA ARG O 28 -17.35 18.04 0.23
C ARG O 28 -18.37 17.90 1.35
N ARG O 29 -19.17 16.85 1.34
CA ARG O 29 -20.15 16.68 2.41
C ARG O 29 -19.51 16.44 3.76
N SER O 30 -18.45 15.63 3.82
CA SER O 30 -17.74 15.40 5.06
C SER O 30 -17.19 16.71 5.64
N ASN O 31 -16.56 17.50 4.80
CA ASN O 31 -15.95 18.74 5.28
C ASN O 31 -17.02 19.71 5.78
N GLN O 32 -18.17 19.71 5.11
CA GLN O 32 -19.32 20.50 5.55
C GLN O 32 -19.79 20.09 6.93
N LYS O 33 -19.88 18.80 7.15
CA LYS O 33 -20.27 18.32 8.49
C LYS O 33 -19.20 18.81 9.47
N LEU O 34 -17.93 18.66 9.14
CA LEU O 34 -16.87 19.04 10.05
C LEU O 34 -16.90 20.54 10.37
N ASP O 35 -17.22 21.37 9.37
CA ASP O 35 -17.31 22.81 9.59
C ASP O 35 -18.43 23.18 10.56
N SER O 36 -19.43 22.32 10.75
CA SER O 36 -20.53 22.66 11.63
C SER O 36 -20.30 22.22 13.06
N ILE O 37 -19.10 21.76 13.38
CA ILE O 37 -18.76 21.30 14.75
C ILE O 37 -18.23 22.49 15.54
N LEU P 4 1.66 -15.96 33.17
CA LEU P 4 1.75 -15.72 31.73
C LEU P 4 2.47 -16.84 31.02
N ASP P 5 1.81 -17.48 30.06
CA ASP P 5 2.48 -18.47 29.23
C ASP P 5 3.61 -17.80 28.45
N PRO P 6 4.79 -18.40 28.39
CA PRO P 6 5.85 -17.82 27.57
C PRO P 6 5.45 -17.88 26.10
N ILE P 7 6.12 -17.07 25.29
CA ILE P 7 5.97 -17.18 23.84
C ILE P 7 6.99 -18.21 23.36
N ASP P 8 6.56 -19.12 22.50
CA ASP P 8 7.50 -20.11 21.90
C ASP P 8 7.18 -20.19 20.40
N ILE P 9 8.07 -19.75 19.52
CA ILE P 9 7.81 -19.86 18.07
C ILE P 9 8.83 -20.83 17.47
N SER P 10 9.35 -21.77 18.27
CA SER P 10 10.37 -22.77 17.84
C SER P 10 9.86 -23.56 16.66
N ILE P 11 8.64 -24.03 16.66
CA ILE P 11 8.21 -24.90 15.54
C ILE P 11 8.33 -24.15 14.22
N VAL P 12 7.91 -22.90 14.18
CA VAL P 12 7.97 -22.14 12.90
C VAL P 12 9.43 -21.77 12.62
N LEU P 13 10.24 -21.45 13.61
CA LEU P 13 11.66 -21.10 13.36
C LEU P 13 12.40 -22.31 12.79
N ASN P 14 12.09 -23.53 13.24
CA ASN P 14 12.72 -24.72 12.71
C ASN P 14 12.36 -24.91 11.25
N LYS P 15 11.11 -24.66 10.90
CA LYS P 15 10.62 -24.79 9.51
C LYS P 15 11.40 -23.79 8.65
N ILE P 16 11.58 -22.58 9.13
CA ILE P 16 12.33 -21.53 8.39
C ILE P 16 13.76 -22.03 8.19
N LYS P 17 14.37 -22.51 9.25
CA LYS P 17 15.76 -22.99 9.19
C LYS P 17 15.85 -24.14 8.18
N SER P 18 14.91 -25.06 8.20
CA SER P 18 14.89 -26.24 7.31
C SER P 18 14.85 -25.78 5.84
N ASP P 19 13.95 -24.88 5.51
CA ASP P 19 13.83 -24.37 4.14
C ASP P 19 15.10 -23.65 3.73
N LEU P 20 15.69 -22.93 4.65
CA LEU P 20 16.95 -22.21 4.37
C LEU P 20 18.05 -23.22 4.04
N GLU P 21 18.12 -24.31 4.79
CA GLU P 21 19.17 -25.33 4.55
C GLU P 21 18.93 -25.97 3.18
N GLU P 22 17.67 -26.19 2.79
CA GLU P 22 17.34 -26.74 1.47
C GLU P 22 17.82 -25.74 0.42
N SER P 23 17.50 -24.46 0.58
CA SER P 23 17.90 -23.44 -0.37
C SER P 23 19.40 -23.49 -0.63
N LYS P 24 20.18 -23.71 0.43
CA LYS P 24 21.64 -23.69 0.28
C LYS P 24 22.15 -24.86 -0.53
N GLU P 25 21.50 -26.03 -0.44
CA GLU P 25 21.86 -27.18 -1.26
C GLU P 25 21.55 -26.95 -2.74
N TRP P 26 20.36 -26.42 -3.08
CA TRP P 26 20.11 -26.08 -4.47
C TRP P 26 21.14 -25.12 -5.04
N ILE P 27 21.57 -24.12 -4.28
CA ILE P 27 22.58 -23.21 -4.82
C ILE P 27 23.89 -23.94 -5.04
N ARG P 28 24.30 -24.80 -4.08
CA ARG P 28 25.48 -25.63 -4.29
C ARG P 28 25.36 -26.44 -5.58
N ARG P 29 24.19 -27.04 -5.81
CA ARG P 29 24.02 -27.83 -7.04
C ARG P 29 24.11 -26.98 -8.29
N SER P 30 23.49 -25.80 -8.29
CA SER P 30 23.59 -24.92 -9.46
C SER P 30 25.05 -24.55 -9.74
N ASN P 31 25.80 -24.18 -8.69
CA ASN P 31 27.19 -23.78 -8.89
C ASN P 31 28.04 -24.94 -9.41
N GLN P 32 27.77 -26.15 -8.96
CA GLN P 32 28.52 -27.34 -9.43
C GLN P 32 28.27 -27.51 -10.93
N LYS P 33 27.04 -27.37 -11.36
CA LYS P 33 26.68 -27.47 -12.79
C LYS P 33 27.44 -26.42 -13.59
N LEU P 34 27.42 -25.16 -13.17
CA LEU P 34 28.16 -24.08 -13.86
C LEU P 34 29.64 -24.47 -13.92
N ASP P 35 30.22 -25.05 -12.88
CA ASP P 35 31.61 -25.43 -12.85
C ASP P 35 31.93 -26.53 -13.88
N SER P 36 30.94 -27.30 -14.31
CA SER P 36 31.22 -28.35 -15.29
C SER P 36 31.16 -27.86 -16.74
N ILE P 37 30.85 -26.59 -16.96
CA ILE P 37 30.80 -26.03 -18.31
C ILE P 37 32.23 -25.95 -18.89
N NH2 P 38 33.17 -25.46 -18.09
HN1 NH2 P 38 32.94 -25.18 -17.14
HN2 NH2 P 38 34.12 -25.37 -18.42
C ALA Q 3 13.92 -1.53 34.23
N LEU Q 4 13.17 -2.11 33.30
CA LEU Q 4 13.65 -3.10 32.30
C LEU Q 4 14.60 -2.44 31.31
N ASP Q 5 15.50 -3.18 30.73
CA ASP Q 5 16.34 -2.65 29.63
C ASP Q 5 15.45 -2.64 28.39
N PRO Q 6 15.57 -1.68 27.49
CA PRO Q 6 14.80 -1.74 26.28
C PRO Q 6 15.43 -2.79 25.36
N ILE Q 7 14.65 -3.36 24.46
CA ILE Q 7 15.17 -4.32 23.49
C ILE Q 7 15.96 -3.55 22.44
N ASP Q 8 17.12 -4.09 22.07
CA ASP Q 8 17.97 -3.45 21.07
C ASP Q 8 18.45 -4.51 20.07
N ILE Q 9 17.78 -4.59 18.92
CA ILE Q 9 18.25 -5.53 17.90
C ILE Q 9 18.82 -4.80 16.70
N SER Q 10 19.38 -3.60 16.94
CA SER Q 10 19.88 -2.78 15.86
C SER Q 10 21.08 -3.41 15.19
N ILE Q 11 21.92 -4.15 15.93
CA ILE Q 11 23.03 -4.88 15.30
C ILE Q 11 22.53 -5.89 14.27
N VAL Q 12 21.56 -6.72 14.64
CA VAL Q 12 21.16 -7.77 13.70
C VAL Q 12 20.40 -7.16 12.54
N LEU Q 13 19.58 -6.12 12.79
CA LEU Q 13 18.88 -5.45 11.67
C LEU Q 13 19.87 -4.84 10.66
N ASN Q 14 20.95 -4.30 11.17
CA ASN Q 14 22.01 -3.73 10.32
C ASN Q 14 22.65 -4.82 9.48
N LYS Q 15 22.85 -5.99 10.06
CA LYS Q 15 23.45 -7.09 9.31
C LYS Q 15 22.52 -7.57 8.19
N ILE Q 16 21.22 -7.65 8.50
CA ILE Q 16 20.24 -8.04 7.48
C ILE Q 16 20.24 -7.06 6.34
N LYS Q 17 20.25 -5.78 6.68
CA LYS Q 17 20.20 -4.69 5.68
C LYS Q 17 21.45 -4.73 4.80
N SER Q 18 22.60 -5.05 5.35
CA SER Q 18 23.84 -5.08 4.59
C SER Q 18 23.84 -6.24 3.59
N ASP Q 19 23.49 -7.45 4.05
CA ASP Q 19 23.30 -8.59 3.15
C ASP Q 19 22.31 -8.24 2.06
N LEU Q 20 21.21 -7.55 2.41
CA LEU Q 20 20.19 -7.22 1.42
C LEU Q 20 20.75 -6.31 0.35
N GLU Q 21 21.52 -5.30 0.74
CA GLU Q 21 22.07 -4.32 -0.25
C GLU Q 21 23.06 -5.02 -1.17
N GLU Q 22 23.86 -5.93 -0.63
CA GLU Q 22 24.83 -6.72 -1.43
C GLU Q 22 24.04 -7.55 -2.44
N SER Q 23 22.93 -8.13 -2.02
CA SER Q 23 22.06 -8.93 -2.92
C SER Q 23 21.69 -8.06 -4.12
N LYS Q 24 21.32 -6.83 -3.88
CA LYS Q 24 20.88 -5.95 -4.97
C LYS Q 24 21.98 -5.74 -5.99
N GLU Q 25 23.20 -5.50 -5.53
CA GLU Q 25 24.35 -5.28 -6.45
C GLU Q 25 24.59 -6.53 -7.29
N TRP Q 26 24.49 -7.73 -6.73
CA TRP Q 26 24.73 -8.93 -7.53
C TRP Q 26 23.68 -9.08 -8.64
N ILE Q 27 22.42 -8.80 -8.32
CA ILE Q 27 21.38 -8.91 -9.33
C ILE Q 27 21.65 -7.91 -10.45
N ARG Q 28 21.97 -6.70 -9.98
CA ARG Q 28 22.38 -5.69 -11.10
CA ARG Q 28 22.34 -5.67 -11.06
C ARG Q 28 23.52 -6.19 -12.02
N ARG Q 29 24.48 -6.91 -11.42
CA ARG Q 29 25.58 -7.44 -12.25
C ARG Q 29 25.07 -8.53 -13.19
N SER Q 30 24.14 -9.37 -12.74
CA SER Q 30 23.61 -10.43 -13.59
C SER Q 30 22.85 -9.85 -14.76
N ASN Q 31 22.01 -8.85 -14.51
CA ASN Q 31 21.26 -8.22 -15.60
C ASN Q 31 22.17 -7.51 -16.58
N GLN Q 32 23.24 -6.91 -16.09
CA GLN Q 32 24.24 -6.24 -16.93
C GLN Q 32 24.87 -7.30 -17.85
N LYS Q 33 25.24 -8.45 -17.29
CA LYS Q 33 25.84 -9.52 -18.10
C LYS Q 33 24.84 -9.97 -19.17
N LEU Q 34 23.58 -10.10 -18.81
CA LEU Q 34 22.52 -10.52 -19.77
C LEU Q 34 22.41 -9.49 -20.89
N ASP Q 35 22.50 -8.20 -20.59
CA ASP Q 35 22.31 -7.13 -21.60
C ASP Q 35 23.42 -7.21 -22.65
N SER Q 36 24.57 -7.75 -22.28
CA SER Q 36 25.75 -7.89 -23.16
C SER Q 36 25.56 -8.99 -24.19
N ILE Q 37 24.60 -9.88 -23.99
CA ILE Q 37 24.22 -10.95 -24.95
C ILE Q 37 23.28 -10.25 -25.93
N LEU R 4 -3.36 0.92 26.71
CA LEU R 4 -2.43 0.88 25.55
C LEU R 4 -3.13 0.46 24.26
N ASP R 5 -2.77 1.07 23.12
CA ASP R 5 -3.29 0.65 21.80
C ASP R 5 -2.55 -0.64 21.46
N PRO R 6 -3.20 -1.74 21.04
CA PRO R 6 -2.44 -2.90 20.66
C PRO R 6 -1.63 -2.64 19.37
N ILE R 7 -0.63 -3.46 19.11
CA ILE R 7 0.25 -3.27 17.95
C ILE R 7 -0.47 -3.79 16.71
N ASP R 8 -0.39 -3.02 15.62
CA ASP R 8 -0.95 -3.43 14.32
C ASP R 8 0.11 -3.26 13.25
N ILE R 9 0.58 -4.37 12.70
CA ILE R 9 1.50 -4.28 11.56
C ILE R 9 0.90 -4.91 10.30
N SER R 10 -0.43 -5.03 10.25
CA SER R 10 -1.04 -5.77 9.15
C SER R 10 -0.72 -5.12 7.80
N ILE R 11 -0.57 -3.78 7.77
CA ILE R 11 -0.27 -3.11 6.50
C ILE R 11 1.05 -3.60 5.93
N VAL R 12 2.09 -3.62 6.77
CA VAL R 12 3.41 -4.05 6.32
C VAL R 12 3.39 -5.54 6.03
N LEU R 13 2.71 -6.33 6.87
CA LEU R 13 2.65 -7.78 6.60
C LEU R 13 1.99 -8.02 5.25
N ASN R 14 0.94 -7.24 4.91
CA ASN R 14 0.29 -7.44 3.61
C ASN R 14 1.26 -7.15 2.47
N LYS R 15 2.10 -6.15 2.63
CA LYS R 15 3.08 -5.74 1.61
C LYS R 15 4.08 -6.88 1.41
N ILE R 16 4.54 -7.50 2.46
CA ILE R 16 5.46 -8.64 2.35
C ILE R 16 4.82 -9.78 1.58
N LYS R 17 3.58 -10.11 1.92
CA LYS R 17 2.80 -11.19 1.28
C LYS R 17 2.66 -10.92 -0.21
N SER R 18 2.32 -9.69 -0.57
CA SER R 18 2.14 -9.27 -1.97
C SER R 18 3.45 -9.48 -2.73
N ASP R 19 4.56 -9.04 -2.15
CA ASP R 19 5.92 -9.14 -2.73
C ASP R 19 6.21 -10.64 -2.91
N LEU R 20 5.91 -11.44 -1.90
CA LEU R 20 6.12 -12.90 -1.93
C LEU R 20 5.35 -13.53 -3.09
N GLU R 21 4.06 -13.24 -3.21
CA GLU R 21 3.20 -13.82 -4.27
C GLU R 21 3.77 -13.45 -5.64
N GLU R 22 4.18 -12.21 -5.82
CA GLU R 22 4.80 -11.76 -7.08
C GLU R 22 6.02 -12.63 -7.36
N SER R 23 6.88 -12.82 -6.36
CA SER R 23 8.10 -13.64 -6.48
C SER R 23 7.74 -15.03 -7.01
N LYS R 24 6.71 -15.65 -6.48
CA LYS R 24 6.25 -17.00 -6.92
C LYS R 24 5.90 -17.00 -8.41
N GLU R 25 5.24 -15.97 -8.93
CA GLU R 25 4.86 -15.96 -10.33
C GLU R 25 6.07 -15.80 -11.22
N TRP R 26 7.03 -14.94 -10.84
CA TRP R 26 8.24 -14.81 -11.63
C TRP R 26 8.94 -16.15 -11.79
N ILE R 27 9.04 -16.94 -10.72
CA ILE R 27 9.71 -18.25 -10.85
C ILE R 27 8.90 -19.16 -11.75
N ARG R 28 7.60 -19.09 -11.61
CA ARG R 28 6.69 -19.89 -12.46
C ARG R 28 6.98 -19.56 -13.92
N ARG R 29 7.24 -18.32 -14.26
CA ARG R 29 7.51 -17.91 -15.65
C ARG R 29 8.90 -18.36 -16.06
N SER R 30 9.92 -18.22 -15.20
CA SER R 30 11.25 -18.71 -15.55
C SER R 30 11.16 -20.18 -15.95
N ASN R 31 10.49 -20.97 -15.12
CA ASN R 31 10.38 -22.41 -15.35
C ASN R 31 9.64 -22.69 -16.65
N GLN R 32 8.54 -22.01 -16.86
CA GLN R 32 7.77 -22.08 -18.13
C GLN R 32 8.76 -21.89 -19.29
N LYS R 33 9.64 -20.91 -19.25
CA LYS R 33 10.59 -20.68 -20.33
C LYS R 33 11.57 -21.83 -20.43
N LEU R 34 11.96 -22.41 -19.28
CA LEU R 34 12.93 -23.50 -19.32
C LEU R 34 12.33 -24.74 -19.97
N ASP R 35 11.03 -24.95 -19.82
CA ASP R 35 10.39 -26.09 -20.50
C ASP R 35 10.34 -25.91 -22.01
N SER R 36 10.47 -24.69 -22.51
CA SER R 36 10.44 -24.36 -23.96
C SER R 36 11.78 -24.71 -24.63
N ILE R 37 12.81 -24.97 -23.85
CA ILE R 37 14.14 -25.33 -24.40
C ILE R 37 14.19 -26.84 -24.58
O1 PG4 S . -6.58 16.27 -10.63
C1 PG4 S . -6.05 15.55 -11.68
C2 PG4 S . -5.94 16.48 -12.89
O2 PG4 S . -6.12 15.85 -14.12
C3 PG4 S . -6.50 16.82 -15.03
C4 PG4 S . -7.35 16.28 -16.15
O3 PG4 S . -7.88 17.38 -16.83
C5 PG4 S . -7.35 17.75 -18.10
C6 PG4 S . -8.06 17.01 -19.24
O4 PG4 S . -7.50 15.72 -19.41
C7 PG4 S . -8.01 14.87 -20.42
C8 PG4 S . -8.28 13.42 -19.96
O5 PG4 S . -9.65 13.07 -20.13
HO1 PG4 S . -7.42 16.19 -10.62
H11 PG4 S . -5.17 15.20 -11.45
H12 PG4 S . -6.65 14.83 -11.90
H21 PG4 S . -6.61 17.18 -12.75
H22 PG4 S . -5.06 16.89 -12.87
H31 PG4 S . -7.02 17.54 -14.61
H32 PG4 S . -5.70 17.22 -15.41
H41 PG4 S . -6.80 15.75 -16.75
H42 PG4 S . -8.07 15.75 -15.79
H51 PG4 S . -7.46 18.71 -18.22
H52 PG4 S . -6.40 17.54 -18.11
H61 PG4 S . -9.00 16.92 -19.02
H62 PG4 S . -7.96 17.52 -20.06
H71 PG4 S . -8.84 15.25 -20.75
H72 PG4 S . -7.37 14.84 -21.14
H81 PG4 S . -8.05 13.33 -19.03
H82 PG4 S . -7.74 12.82 -20.49
HO5 PG4 S . -9.80 12.92 -20.96
C1 PEG T . -18.51 -3.51 37.62
O1 PEG T . -17.70 -4.62 37.82
C2 PEG T . -17.80 -2.57 36.62
O2 PEG T . -18.68 -1.60 36.12
C3 PEG T . -19.54 -2.03 35.13
C4 PEG T . -19.60 -1.05 33.96
O4 PEG T . -19.88 -1.67 32.71
H11 PEG T . -18.65 -3.05 38.47
H12 PEG T . -19.34 -3.78 37.25
HO1 PEG T . -16.89 -4.42 37.66
H21 PEG T . -17.06 -2.13 37.08
H22 PEG T . -17.44 -3.10 35.89
H31 PEG T . -19.24 -2.90 34.79
H32 PEG T . -20.43 -2.13 35.50
H41 PEG T . -20.30 -0.40 34.15
H42 PEG T . -18.75 -0.59 33.90
HO4 PEG T . -19.32 -2.28 32.57
#